data_5JQD
#
_entry.id   5JQD
#
_cell.length_a   89.055
_cell.length_b   91.577
_cell.length_c   106.759
_cell.angle_alpha   90.00
_cell.angle_beta   90.00
_cell.angle_gamma   90.00
#
_symmetry.space_group_name_H-M   'P 21 21 21'
#
loop_
_entity.id
_entity.type
_entity.pdbx_description
1 polymer 'D80 Fab Fragment Light Chain'
2 polymer 'D80 Fab Fragment Heavy Chain'
3 water water
#
loop_
_entity_poly.entity_id
_entity_poly.type
_entity_poly.pdbx_seq_one_letter_code
_entity_poly.pdbx_strand_id
1 'polypeptide(L)'
;EIVLTQSPGTLSLSPGERATLSCRASQSLSSKYLAWYQQKPGQAPRLLIYGASSRATGIPDRFSGSGSGTDFTLTISRLE
PEDFAVYSCQQYDGVPRTFGQGTTVEIKRTVAAPSVFIFPPSDEQLKSGTASVVCLLNNFYPREAKVQWKVDNALQSGNS
QESVTEQDSKDSTYSLSSTLTLSKADYEKHKVYACEVTHQGLSSPVTKSFNRGEC
;
A,B
2 'polypeptide(L)'
;QVQLVQSGAEVKKPGSSVKVSCRASGGTGGTFSAYAFTWVRQAPGQGLEWMGGITGMFGTANYAQKFQGRVTITADELTS
TAYMELSSLTSEDTALYYCARGLYYYESSLDYWGQGTLVTVSSASTKGPSVFPLAPSSKSTSGGTAALGCLVKDYFPEPV
TVSWNSGALTSGVHTFPAVLQSSGLYSLSSVVTVPSSSLGTQTYICNVNHKPSNTKVDKRVEPKSCDK
;
C,D
#
# COMPACT_ATOMS: atom_id res chain seq x y z
N GLU A 1 -9.79 -2.39 -9.12
CA GLU A 1 -9.12 -1.07 -9.29
C GLU A 1 -7.61 -1.22 -9.07
N ILE A 2 -6.83 -0.35 -9.71
CA ILE A 2 -5.38 -0.37 -9.59
C ILE A 2 -4.98 0.39 -8.33
N VAL A 3 -4.22 -0.25 -7.45
CA VAL A 3 -3.72 0.38 -6.23
C VAL A 3 -2.27 0.74 -6.46
N LEU A 4 -1.90 1.96 -6.09
CA LEU A 4 -0.51 2.37 -6.09
C LEU A 4 -0.03 2.51 -4.65
N THR A 5 1.17 1.99 -4.40
CA THR A 5 1.82 2.16 -3.11
C THR A 5 3.20 2.76 -3.36
N GLN A 6 3.57 3.74 -2.54
CA GLN A 6 4.82 4.45 -2.72
C GLN A 6 5.82 4.09 -1.64
N SER A 7 7.10 4.18 -1.99
CA SER A 7 8.16 3.87 -1.05
C SER A 7 9.36 4.76 -1.31
N PRO A 8 10.01 5.24 -0.24
CA PRO A 8 9.67 5.00 1.16
C PRO A 8 8.61 5.97 1.67
N GLY A 9 8.15 5.76 2.90
CA GLY A 9 7.27 6.72 3.53
C GLY A 9 7.92 8.07 3.64
N THR A 10 9.11 8.12 4.23
CA THR A 10 9.89 9.34 4.36
C THR A 10 11.30 9.06 3.87
N LEU A 11 11.79 9.93 3.00
CA LEU A 11 13.12 9.80 2.41
C LEU A 11 14.00 10.91 2.97
N SER A 12 14.98 10.53 3.78
CA SER A 12 15.89 11.49 4.43
C SER A 12 17.18 11.56 3.63
N LEU A 13 17.44 12.71 3.03
CA LEU A 13 18.66 12.90 2.25
C LEU A 13 19.23 14.29 2.54
N SER A 14 20.41 14.54 2.01
CA SER A 14 21.09 15.80 2.18
C SER A 14 21.04 16.61 0.89
N PRO A 15 21.13 17.93 0.97
CA PRO A 15 21.20 18.73 -0.25
C PRO A 15 22.33 18.25 -1.15
N GLY A 16 22.01 18.01 -2.42
CA GLY A 16 22.94 17.52 -3.39
C GLY A 16 22.85 16.03 -3.69
N GLU A 17 22.31 15.24 -2.77
CA GLU A 17 22.21 13.81 -3.00
C GLU A 17 21.23 13.49 -4.11
N ARG A 18 21.34 12.27 -4.63
CA ARG A 18 20.36 11.72 -5.56
C ARG A 18 19.23 11.08 -4.79
N ALA A 19 18.00 11.32 -5.25
CA ALA A 19 16.81 10.77 -4.62
C ALA A 19 16.12 9.82 -5.59
N THR A 20 15.79 8.63 -5.11
CA THR A 20 15.09 7.61 -5.89
C THR A 20 13.78 7.29 -5.19
N LEU A 21 12.66 7.66 -5.81
CA LEU A 21 11.34 7.39 -5.27
C LEU A 21 10.68 6.28 -6.06
N SER A 22 9.86 5.47 -5.38
CA SER A 22 9.27 4.29 -5.99
C SER A 22 7.75 4.36 -5.94
N CYS A 23 7.13 3.88 -7.01
CA CYS A 23 5.68 3.72 -7.10
C CYS A 23 5.40 2.31 -7.59
N ARG A 24 4.63 1.55 -6.83
CA ARG A 24 4.30 0.18 -7.17
C ARG A 24 2.83 0.08 -7.58
N ALA A 25 2.56 -0.60 -8.68
CA ALA A 25 1.21 -0.80 -9.16
C ALA A 25 0.74 -2.22 -8.82
N SER A 26 -0.51 -2.34 -8.40
CA SER A 26 -1.07 -3.65 -8.06
C SER A 26 -1.16 -4.58 -9.26
N GLN A 27 -1.08 -4.05 -10.48
CA GLN A 27 -1.06 -4.89 -11.67
C GLN A 27 -0.22 -4.20 -12.73
N SER A 28 0.12 -4.93 -13.78
CA SER A 28 0.97 -4.38 -14.82
C SER A 28 0.32 -3.13 -15.43
N LEU A 29 1.15 -2.15 -15.74
CA LEU A 29 0.68 -0.83 -16.15
C LEU A 29 1.56 -0.39 -17.31
N SER A 30 0.97 -0.25 -18.50
CA SER A 30 1.72 0.33 -19.61
C SER A 30 2.48 1.53 -19.10
N SER A 31 3.70 1.71 -19.63
CA SER A 31 4.52 2.83 -19.19
C SER A 31 3.69 4.10 -19.08
N LYS A 32 3.03 4.49 -20.17
CA LYS A 32 2.11 5.62 -20.14
C LYS A 32 1.10 5.41 -19.00
N TYR A 33 0.40 6.46 -18.60
CA TYR A 33 -0.63 6.35 -17.57
C TYR A 33 -0.04 6.27 -16.18
N LEU A 34 1.11 6.90 -15.99
CA LEU A 34 1.64 7.12 -14.65
C LEU A 34 2.34 8.46 -14.61
N ALA A 35 1.86 9.34 -13.73
CA ALA A 35 2.41 10.68 -13.58
C ALA A 35 2.92 10.89 -12.16
N TRP A 36 3.84 11.82 -12.01
CA TRP A 36 4.39 12.19 -10.72
C TRP A 36 4.04 13.64 -10.43
N TYR A 37 3.81 13.93 -9.15
CA TYR A 37 3.46 15.29 -8.74
C TYR A 37 4.35 15.72 -7.59
N GLN A 38 4.46 17.03 -7.43
CA GLN A 38 5.23 17.64 -6.35
C GLN A 38 4.31 18.53 -5.54
N GLN A 39 4.29 18.32 -4.23
CA GLN A 39 3.48 19.12 -3.32
C GLN A 39 4.42 19.88 -2.39
N LYS A 40 4.79 21.09 -2.81
CA LYS A 40 5.54 21.97 -1.92
C LYS A 40 4.60 22.52 -0.86
N PRO A 41 5.11 22.74 0.35
CA PRO A 41 4.24 23.15 1.46
C PRO A 41 3.48 24.44 1.15
N GLY A 42 2.21 24.45 1.52
CA GLY A 42 1.34 25.57 1.27
C GLY A 42 0.95 25.80 -0.18
N GLN A 43 1.54 25.08 -1.13
CA GLN A 43 1.33 25.33 -2.54
C GLN A 43 0.46 24.23 -3.16
N ALA A 44 0.11 24.45 -4.41
CA ALA A 44 -0.67 23.49 -5.17
C ALA A 44 0.22 22.37 -5.71
N PRO A 45 -0.34 21.19 -5.97
CA PRO A 45 0.45 20.13 -6.63
C PRO A 45 0.92 20.55 -8.01
N ARG A 46 1.98 19.91 -8.47
CA ARG A 46 2.66 20.30 -9.69
C ARG A 46 3.09 19.05 -10.45
N LEU A 47 2.87 19.06 -11.75
CA LEU A 47 3.20 17.91 -12.59
C LEU A 47 4.69 17.93 -12.94
N LEU A 48 5.37 16.83 -12.65
CA LEU A 48 6.75 16.61 -13.03
C LEU A 48 6.88 15.66 -14.20
N ILE A 49 6.25 14.50 -14.08
CA ILE A 49 6.40 13.42 -15.04
C ILE A 49 5.00 12.99 -15.47
N TYR A 50 4.86 12.77 -16.77
CA TYR A 50 3.67 12.14 -17.32
C TYR A 50 4.14 11.10 -18.33
N GLY A 51 3.33 10.08 -18.54
CA GLY A 51 3.81 8.99 -19.36
C GLY A 51 4.98 8.23 -18.77
N ALA A 52 5.14 8.29 -17.45
CA ALA A 52 6.17 7.55 -16.72
C ALA A 52 7.57 8.12 -16.85
N SER A 53 7.99 8.50 -18.06
CA SER A 53 9.34 8.99 -18.27
C SER A 53 9.42 10.37 -18.90
N SER A 54 8.31 10.98 -19.30
CA SER A 54 8.34 12.26 -20.01
C SER A 54 8.32 13.41 -19.02
N ARG A 55 9.38 14.20 -19.01
CA ARG A 55 9.41 15.44 -18.25
C ARG A 55 8.32 16.38 -18.75
N ALA A 56 7.74 17.13 -17.82
CA ALA A 56 6.72 18.11 -18.17
C ALA A 56 7.35 19.46 -18.43
N THR A 57 6.69 20.28 -19.25
CA THR A 57 7.23 21.58 -19.63
C THR A 57 7.66 22.36 -18.41
N GLY A 58 8.77 23.09 -18.55
CA GLY A 58 9.30 23.89 -17.48
C GLY A 58 9.82 23.14 -16.28
N ILE A 59 10.04 21.83 -16.41
CA ILE A 59 10.50 20.99 -15.31
C ILE A 59 12.01 20.84 -15.43
N PRO A 60 12.79 21.17 -14.41
CA PRO A 60 14.25 20.98 -14.50
C PRO A 60 14.62 19.59 -14.97
N ASP A 61 15.80 19.49 -15.57
CA ASP A 61 16.28 18.22 -16.13
C ASP A 61 16.72 17.24 -15.06
N ARG A 62 16.82 17.65 -13.79
CA ARG A 62 17.23 16.73 -12.75
C ARG A 62 16.11 15.80 -12.30
N PHE A 63 14.89 16.02 -12.75
CA PHE A 63 13.82 15.07 -12.55
C PHE A 63 13.75 14.12 -13.74
N SER A 64 13.64 12.83 -13.45
CA SER A 64 13.53 11.81 -14.48
C SER A 64 12.63 10.71 -13.96
N GLY A 65 12.10 9.92 -14.88
CA GLY A 65 11.22 8.83 -14.51
C GLY A 65 11.42 7.61 -15.39
N SER A 66 11.38 6.43 -14.79
CA SER A 66 11.52 5.20 -15.53
C SER A 66 10.61 4.15 -14.90
N GLY A 67 10.67 2.94 -15.45
CA GLY A 67 9.92 1.84 -14.90
C GLY A 67 8.91 1.27 -15.86
N SER A 68 8.69 -0.04 -15.75
CA SER A 68 7.68 -0.72 -16.55
C SER A 68 7.07 -1.82 -15.71
N GLY A 69 5.87 -2.23 -16.10
CA GLY A 69 5.16 -3.25 -15.33
C GLY A 69 4.58 -2.62 -14.09
N THR A 70 4.93 -3.19 -12.93
CA THR A 70 4.42 -2.74 -11.63
C THR A 70 5.34 -1.75 -10.92
N ASP A 71 6.56 -1.56 -11.39
CA ASP A 71 7.58 -0.83 -10.63
C ASP A 71 8.02 0.41 -11.41
N PHE A 72 7.68 1.58 -10.88
CA PHE A 72 8.04 2.86 -11.47
C PHE A 72 8.81 3.68 -10.47
N THR A 73 9.73 4.51 -10.97
CA THR A 73 10.59 5.27 -10.08
C THR A 73 10.73 6.70 -10.57
N LEU A 74 10.81 7.62 -9.60
CA LEU A 74 11.15 9.01 -9.84
C LEU A 74 12.55 9.25 -9.30
N THR A 75 13.41 9.83 -10.12
CA THR A 75 14.79 10.11 -9.74
C THR A 75 15.04 11.61 -9.78
N ILE A 76 15.58 12.14 -8.68
CA ILE A 76 16.03 13.52 -8.59
C ILE A 76 17.56 13.45 -8.51
N SER A 77 18.21 13.60 -9.67
CA SER A 77 19.65 13.43 -9.77
C SER A 77 20.41 14.10 -8.65
N ARG A 78 20.20 15.41 -8.48
CA ARG A 78 20.96 16.20 -7.53
C ARG A 78 19.98 17.07 -6.77
N LEU A 79 19.75 16.76 -5.49
CA LEU A 79 18.71 17.44 -4.73
C LEU A 79 19.06 18.90 -4.48
N GLU A 80 18.14 19.79 -4.85
CA GLU A 80 18.26 21.20 -4.54
C GLU A 80 17.42 21.54 -3.30
N PRO A 81 17.71 22.66 -2.65
CA PRO A 81 16.97 22.97 -1.40
C PRO A 81 15.48 23.05 -1.59
N GLU A 82 15.03 23.41 -2.79
CA GLU A 82 13.62 23.51 -3.12
C GLU A 82 13.00 22.19 -3.54
N ASP A 83 13.79 21.11 -3.57
CA ASP A 83 13.28 19.79 -3.96
C ASP A 83 12.79 18.97 -2.78
N PHE A 84 12.97 19.47 -1.56
CA PHE A 84 12.50 18.77 -0.36
C PHE A 84 11.03 19.07 -0.16
N ALA A 85 10.19 18.12 -0.56
CA ALA A 85 8.74 18.26 -0.57
C ALA A 85 8.14 16.86 -0.67
N VAL A 86 6.84 16.80 -0.96
CA VAL A 86 6.09 15.54 -1.00
C VAL A 86 5.78 15.22 -2.45
N TYR A 87 6.08 13.99 -2.86
CA TYR A 87 5.86 13.56 -4.23
C TYR A 87 4.85 12.43 -4.26
N SER A 88 3.92 12.50 -5.21
CA SER A 88 2.87 11.51 -5.34
C SER A 88 2.86 10.96 -6.75
N CYS A 89 2.58 9.67 -6.88
CA CYS A 89 2.40 9.04 -8.19
C CYS A 89 0.92 8.81 -8.43
N GLN A 90 0.51 8.97 -9.68
CA GLN A 90 -0.90 8.83 -10.04
C GLN A 90 -1.01 7.99 -11.29
N GLN A 91 -1.98 7.08 -11.29
CA GLN A 91 -2.29 6.26 -12.45
C GLN A 91 -3.56 6.79 -13.10
N TYR A 92 -3.53 6.93 -14.44
CA TYR A 92 -4.68 7.37 -15.20
C TYR A 92 -4.95 6.44 -16.37
N ASP A 93 -4.53 5.19 -16.26
CA ASP A 93 -4.84 4.20 -17.28
C ASP A 93 -6.32 3.87 -17.28
N GLY A 94 -6.85 3.45 -16.14
CA GLY A 94 -8.25 3.12 -16.01
C GLY A 94 -8.91 3.93 -14.92
N VAL A 95 -10.12 3.56 -14.54
CA VAL A 95 -10.83 4.28 -13.49
C VAL A 95 -11.10 3.33 -12.33
N PRO A 96 -10.98 3.81 -11.08
CA PRO A 96 -10.59 5.17 -10.69
C PRO A 96 -9.11 5.47 -10.89
N ARG A 97 -8.78 6.76 -11.01
CA ARG A 97 -7.41 7.21 -11.31
C ARG A 97 -6.71 7.45 -9.98
N THR A 98 -6.14 6.37 -9.43
CA THR A 98 -5.70 6.37 -8.05
C THR A 98 -4.34 7.05 -7.89
N PHE A 99 -4.08 7.46 -6.65
CA PHE A 99 -2.82 8.05 -6.25
C PHE A 99 -2.09 7.13 -5.29
N GLY A 100 -0.79 7.34 -5.17
CA GLY A 100 -0.04 6.75 -4.08
C GLY A 100 -0.22 7.58 -2.82
N GLN A 101 0.25 7.04 -1.70
CA GLN A 101 0.12 7.75 -0.42
C GLN A 101 1.11 8.90 -0.29
N GLY A 102 1.99 9.09 -1.25
CA GLY A 102 2.99 10.14 -1.18
C GLY A 102 4.25 9.69 -0.47
N THR A 103 5.36 10.30 -0.85
CA THR A 103 6.65 10.07 -0.23
C THR A 103 7.23 11.42 0.15
N THR A 104 7.64 11.57 1.40
CA THR A 104 8.15 12.84 1.90
C THR A 104 9.67 12.84 1.78
N VAL A 105 10.22 13.82 1.08
CA VAL A 105 11.66 14.02 0.98
C VAL A 105 12.03 15.09 2.00
N GLU A 106 12.77 14.70 3.03
CA GLU A 106 13.17 15.63 4.08
C GLU A 106 14.70 15.78 4.07
N ILE A 107 15.15 16.86 4.70
CA ILE A 107 16.59 17.13 4.80
C ILE A 107 17.17 16.29 5.93
N LYS A 108 18.21 15.52 5.60
CA LYS A 108 18.84 14.69 6.60
C LYS A 108 19.88 15.50 7.36
N ARG A 109 20.03 15.18 8.64
CA ARG A 109 21.01 15.86 9.48
C ARG A 109 21.39 14.94 10.63
N THR A 110 22.30 15.44 11.47
CA THR A 110 22.76 14.68 12.62
C THR A 110 21.62 14.50 13.63
N VAL A 111 21.69 13.41 14.39
CA VAL A 111 20.70 13.16 15.42
C VAL A 111 20.74 14.28 16.45
N ALA A 112 19.57 14.80 16.79
CA ALA A 112 19.44 15.88 17.78
C ALA A 112 18.38 15.45 18.78
N ALA A 113 18.80 15.16 20.01
CA ALA A 113 17.86 14.77 21.04
C ALA A 113 17.03 15.99 21.46
N PRO A 114 15.76 15.78 21.82
CA PRO A 114 14.89 16.91 22.16
C PRO A 114 15.14 17.49 23.53
N SER A 115 14.85 18.78 23.65
CA SER A 115 14.68 19.43 24.95
C SER A 115 13.21 19.31 25.35
N VAL A 116 12.96 18.71 26.50
CA VAL A 116 11.60 18.40 26.94
C VAL A 116 11.21 19.37 28.04
N PHE A 117 10.07 20.05 27.85
CA PHE A 117 9.52 20.96 28.84
C PHE A 117 8.07 20.58 29.09
N ILE A 118 7.61 20.87 30.31
CA ILE A 118 6.26 20.54 30.73
C ILE A 118 5.68 21.75 31.45
N PHE A 119 4.45 22.11 31.11
CA PHE A 119 3.83 23.31 31.62
C PHE A 119 2.57 22.94 32.39
N PRO A 120 2.43 23.30 33.66
CA PRO A 120 1.18 23.01 34.37
C PRO A 120 0.08 23.94 33.90
N PRO A 121 -1.18 23.62 34.18
CA PRO A 121 -2.28 24.49 33.75
C PRO A 121 -2.22 25.85 34.43
N SER A 122 -2.72 26.86 33.72
CA SER A 122 -2.86 28.18 34.30
C SER A 122 -3.91 28.16 35.39
N ASP A 123 -3.66 28.91 36.47
CA ASP A 123 -4.66 29.05 37.52
C ASP A 123 -5.92 29.76 37.03
N GLU A 124 -5.87 30.36 35.84
CA GLU A 124 -7.03 30.98 35.21
C GLU A 124 -7.88 29.93 34.51
N GLN A 125 -7.25 29.08 33.71
CA GLN A 125 -8.01 27.98 33.10
C GLN A 125 -8.65 27.12 34.17
N LEU A 126 -8.01 27.01 35.34
CA LEU A 126 -8.58 26.25 36.44
C LEU A 126 -9.78 26.95 37.06
N LYS A 127 -9.86 28.28 36.92
CA LYS A 127 -11.10 28.97 37.28
C LYS A 127 -12.25 28.49 36.41
N SER A 128 -11.97 28.20 35.14
CA SER A 128 -12.89 27.38 34.37
C SER A 128 -12.77 25.92 34.84
N GLY A 129 -13.69 25.09 34.38
CA GLY A 129 -13.74 23.72 34.84
C GLY A 129 -12.79 22.77 34.13
N THR A 130 -11.74 23.31 33.52
CA THR A 130 -10.89 22.55 32.62
C THR A 130 -9.42 22.79 32.95
N ALA A 131 -8.61 21.78 32.65
CA ALA A 131 -7.17 21.83 32.91
C ALA A 131 -6.43 21.26 31.72
N SER A 132 -5.38 21.96 31.28
CA SER A 132 -4.58 21.54 30.14
C SER A 132 -3.11 21.57 30.52
N VAL A 133 -2.46 20.43 30.49
CA VAL A 133 -1.02 20.32 30.69
C VAL A 133 -0.37 20.12 29.34
N VAL A 134 0.72 20.85 29.09
CA VAL A 134 1.36 20.89 27.78
C VAL A 134 2.77 20.33 27.90
N CYS A 135 3.08 19.38 27.05
CA CYS A 135 4.44 18.86 26.91
C CYS A 135 5.00 19.34 25.58
N LEU A 136 6.24 19.83 25.60
CA LEU A 136 6.89 20.38 24.42
C LEU A 136 8.21 19.65 24.19
N LEU A 137 8.40 19.17 22.97
CA LEU A 137 9.66 18.59 22.53
C LEU A 137 10.27 19.53 21.51
N ASN A 138 11.46 20.04 21.80
CA ASN A 138 12.01 21.15 21.04
C ASN A 138 13.28 20.75 20.31
N ASN A 139 13.31 21.02 19.02
CA ASN A 139 14.54 21.00 18.22
C ASN A 139 15.20 19.62 18.23
N PHE A 140 14.48 18.62 17.76
CA PHE A 140 14.98 17.26 17.68
C PHE A 140 15.03 16.78 16.24
N TYR A 141 15.78 15.70 16.06
CA TYR A 141 15.85 15.00 14.79
C TYR A 141 16.38 13.58 15.05
N PRO A 142 15.79 12.56 14.42
CA PRO A 142 14.71 12.63 13.42
C PRO A 142 13.33 12.89 14.01
N ARG A 143 12.35 13.02 13.12
CA ARG A 143 10.98 13.37 13.49
C ARG A 143 10.31 12.33 14.37
N GLU A 144 10.72 11.07 14.27
CA GLU A 144 10.08 10.01 15.05
C GLU A 144 10.26 10.26 16.54
N ALA A 145 9.15 10.40 17.25
CA ALA A 145 9.18 10.60 18.68
C ALA A 145 7.86 10.14 19.28
N LYS A 146 7.94 9.45 20.41
CA LYS A 146 6.77 8.98 21.13
C LYS A 146 6.66 9.73 22.45
N VAL A 147 5.50 10.34 22.69
CA VAL A 147 5.23 11.11 23.89
C VAL A 147 4.13 10.40 24.66
N GLN A 148 4.42 10.01 25.90
CA GLN A 148 3.47 9.27 26.73
C GLN A 148 3.07 10.13 27.92
N TRP A 149 1.77 10.36 28.06
CA TRP A 149 1.22 11.07 29.20
C TRP A 149 0.96 10.08 30.32
N LYS A 150 1.54 10.34 31.50
CA LYS A 150 1.42 9.45 32.65
C LYS A 150 0.90 10.23 33.84
N VAL A 151 -0.39 10.04 34.14
CA VAL A 151 -1.06 10.68 35.26
C VAL A 151 -1.00 9.68 36.43
N ASP A 152 -0.12 9.93 37.39
CA ASP A 152 0.11 9.00 38.49
C ASP A 152 0.45 7.61 37.96
N ASN A 153 1.45 7.56 37.09
CA ASN A 153 1.90 6.32 36.45
C ASN A 153 0.74 5.55 35.85
N ALA A 154 -0.17 6.27 35.21
CA ALA A 154 -1.27 5.68 34.45
C ALA A 154 -1.21 6.22 33.03
N LEU A 155 -0.93 5.34 32.08
CA LEU A 155 -0.86 5.72 30.68
C LEU A 155 -2.21 6.27 30.22
N GLN A 156 -2.23 7.54 29.83
CA GLN A 156 -3.46 8.12 29.30
C GLN A 156 -3.64 7.73 27.84
N SER A 157 -4.83 8.03 27.32
CA SER A 157 -5.16 7.75 25.94
C SER A 157 -6.50 8.38 25.62
N GLY A 158 -6.65 8.86 24.38
CA GLY A 158 -7.85 9.52 23.95
C GLY A 158 -8.04 10.92 24.49
N ASN A 159 -7.21 11.36 25.43
CA ASN A 159 -7.36 12.67 26.05
C ASN A 159 -6.22 13.61 25.72
N SER A 160 -5.37 13.27 24.78
CA SER A 160 -4.23 14.10 24.41
C SER A 160 -4.19 14.23 22.90
N GLN A 161 -3.71 15.39 22.46
CA GLN A 161 -3.51 15.67 21.05
C GLN A 161 -2.19 16.41 20.89
N GLU A 162 -1.47 16.10 19.82
CA GLU A 162 -0.13 16.62 19.62
C GLU A 162 0.02 17.18 18.22
N SER A 163 0.95 18.11 18.07
CA SER A 163 1.20 18.78 16.81
C SER A 163 2.70 18.85 16.59
N VAL A 164 3.10 18.83 15.32
CA VAL A 164 4.51 18.84 14.94
C VAL A 164 4.73 19.96 13.95
N THR A 165 5.78 20.75 14.17
CA THR A 165 6.12 21.80 13.23
C THR A 165 6.72 21.20 11.96
N GLU A 166 6.84 22.03 10.93
CA GLU A 166 7.61 21.65 9.76
C GLU A 166 9.08 21.51 10.12
N GLN A 167 9.83 20.83 9.25
CA GLN A 167 11.27 20.82 9.38
C GLN A 167 11.81 22.23 9.22
N ASP A 168 12.46 22.73 10.26
CA ASP A 168 12.90 24.12 10.25
C ASP A 168 13.85 24.38 9.07
N SER A 169 13.73 25.59 8.51
CA SER A 169 14.53 25.93 7.34
C SER A 169 16.02 26.03 7.68
N LYS A 170 16.34 26.52 8.87
CA LYS A 170 17.73 26.79 9.22
C LYS A 170 18.43 25.55 9.74
N ASP A 171 17.93 24.97 10.82
CA ASP A 171 18.60 23.85 11.46
C ASP A 171 17.97 22.50 11.14
N SER A 172 16.98 22.46 10.24
CA SER A 172 16.42 21.21 9.74
C SER A 172 15.86 20.34 10.86
N THR A 173 15.31 20.97 11.89
CA THR A 173 14.88 20.32 13.12
C THR A 173 13.36 20.25 13.15
N TYR A 174 12.84 19.45 14.08
CA TYR A 174 11.42 19.37 14.35
C TYR A 174 11.13 19.77 15.78
N SER A 175 9.90 20.21 16.01
CA SER A 175 9.42 20.51 17.35
C SER A 175 8.00 19.98 17.48
N LEU A 176 7.66 19.57 18.70
CA LEU A 176 6.40 18.89 18.96
C LEU A 176 5.80 19.42 20.25
N SER A 177 4.48 19.60 20.26
CA SER A 177 3.74 20.02 21.44
C SER A 177 2.57 19.07 21.65
N SER A 178 2.47 18.51 22.84
CA SER A 178 1.38 17.62 23.21
C SER A 178 0.56 18.26 24.32
N THR A 179 -0.76 18.10 24.24
CA THR A 179 -1.67 18.73 25.20
C THR A 179 -2.59 17.65 25.77
N LEU A 180 -2.42 17.35 27.05
CA LEU A 180 -3.34 16.49 27.79
C LEU A 180 -4.40 17.37 28.46
N THR A 181 -5.66 17.13 28.11
CA THR A 181 -6.77 17.97 28.56
C THR A 181 -7.71 17.16 29.44
N LEU A 182 -7.89 17.60 30.68
CA LEU A 182 -8.80 16.97 31.62
C LEU A 182 -9.76 18.02 32.17
N SER A 183 -10.69 17.56 32.99
CA SER A 183 -11.55 18.45 33.75
C SER A 183 -10.94 18.71 35.11
N LYS A 184 -11.24 19.88 35.67
CA LYS A 184 -10.69 20.25 36.97
C LYS A 184 -11.05 19.21 38.02
N ALA A 185 -12.26 18.65 37.96
CA ALA A 185 -12.64 17.63 38.91
C ALA A 185 -11.68 16.44 38.86
N ASP A 186 -11.45 15.90 37.68
CA ASP A 186 -10.53 14.77 37.55
C ASP A 186 -9.10 15.19 37.78
N TYR A 187 -8.67 16.28 37.13
CA TYR A 187 -7.31 16.80 37.30
C TYR A 187 -6.91 16.89 38.77
N GLU A 188 -7.86 17.28 39.63
CA GLU A 188 -7.56 17.49 41.03
C GLU A 188 -7.62 16.20 41.85
N LYS A 189 -7.87 15.06 41.21
CA LYS A 189 -7.87 13.77 41.89
C LYS A 189 -6.56 13.03 41.70
N HIS A 190 -5.60 13.62 41.00
CA HIS A 190 -4.30 13.02 40.78
C HIS A 190 -3.23 13.99 41.25
N LYS A 191 -2.04 13.44 41.47
CA LYS A 191 -0.92 14.22 41.99
C LYS A 191 0.18 14.48 40.97
N VAL A 192 0.62 13.45 40.25
CA VAL A 192 1.81 13.53 39.40
C VAL A 192 1.36 13.55 37.94
N TYR A 193 1.88 14.53 37.20
CA TYR A 193 1.65 14.67 35.77
C TYR A 193 3.00 14.64 35.08
N ALA A 194 3.20 13.67 34.21
CA ALA A 194 4.50 13.41 33.61
C ALA A 194 4.37 13.32 32.10
N CYS A 195 5.40 13.82 31.42
CA CYS A 195 5.57 13.65 29.99
C CYS A 195 6.75 12.70 29.79
N GLU A 196 6.48 11.50 29.32
CA GLU A 196 7.53 10.52 29.05
C GLU A 196 7.87 10.59 27.57
N VAL A 197 9.14 10.86 27.26
CA VAL A 197 9.60 11.10 25.90
C VAL A 197 10.67 10.07 25.57
N THR A 198 10.51 9.41 24.42
CA THR A 198 11.53 8.51 23.90
C THR A 198 11.95 8.97 22.51
N HIS A 199 13.24 9.14 22.31
CA HIS A 199 13.75 9.59 21.03
C HIS A 199 15.10 8.93 20.78
N GLN A 200 15.32 8.50 19.54
CA GLN A 200 16.56 7.83 19.19
C GLN A 200 17.80 8.63 19.60
N GLY A 201 17.66 9.93 19.84
CA GLY A 201 18.76 10.75 20.31
C GLY A 201 19.00 10.68 21.80
N LEU A 202 18.17 9.95 22.54
CA LEU A 202 18.26 9.86 23.98
C LEU A 202 18.80 8.49 24.37
N SER A 203 19.86 8.48 25.17
CA SER A 203 20.34 7.22 25.75
C SER A 203 19.17 6.42 26.31
N SER A 204 18.32 7.06 27.11
CA SER A 204 17.18 6.46 27.73
C SER A 204 15.98 7.39 27.59
N PRO A 205 14.77 6.88 27.77
CA PRO A 205 13.61 7.78 27.78
C PRO A 205 13.72 8.83 28.86
N VAL A 206 13.22 10.02 28.55
CA VAL A 206 13.23 11.16 29.48
C VAL A 206 11.80 11.42 29.94
N THR A 207 11.66 11.72 31.23
CA THR A 207 10.36 11.98 31.84
C THR A 207 10.41 13.34 32.52
N LYS A 208 9.56 14.26 32.07
CA LYS A 208 9.38 15.55 32.72
C LYS A 208 8.05 15.54 33.47
N SER A 209 8.07 16.05 34.70
CA SER A 209 6.88 15.95 35.53
C SER A 209 6.84 17.07 36.54
N PHE A 210 5.65 17.24 37.12
CA PHE A 210 5.39 18.16 38.21
C PHE A 210 4.24 17.59 39.01
N ASN A 211 4.09 18.06 40.25
CA ASN A 211 3.00 17.63 41.10
C ASN A 211 1.97 18.74 41.21
N ARG A 212 0.70 18.35 41.26
CA ARG A 212 -0.42 19.27 41.07
C ARG A 212 -0.27 20.56 41.85
N GLY A 213 0.10 20.46 43.12
CA GLY A 213 0.19 21.63 43.97
C GLY A 213 1.53 22.31 43.99
N GLU A 214 2.47 21.85 43.18
CA GLU A 214 3.80 22.45 43.04
C GLU A 214 3.76 23.97 43.15
N GLU B 1 -6.35 0.45 11.59
CA GLU B 1 -5.68 -0.70 10.89
C GLU B 1 -4.34 -0.27 10.31
N ILE B 2 -3.28 -0.96 10.70
CA ILE B 2 -1.94 -0.67 10.18
C ILE B 2 -1.79 -1.37 8.84
N VAL B 3 -1.56 -0.58 7.80
CA VAL B 3 -1.36 -1.10 6.44
C VAL B 3 0.14 -1.12 6.16
N LEU B 4 0.61 -2.27 5.67
CA LEU B 4 2.00 -2.45 5.29
C LEU B 4 2.04 -2.57 3.78
N THR B 5 2.91 -1.79 3.14
CA THR B 5 3.09 -1.88 1.70
C THR B 5 4.57 -2.09 1.45
N GLN B 6 4.88 -2.95 0.50
CA GLN B 6 6.24 -3.39 0.25
C GLN B 6 6.74 -2.85 -1.08
N SER B 7 8.04 -2.62 -1.14
CA SER B 7 8.68 -2.13 -2.35
C SER B 7 10.08 -2.73 -2.49
N PRO B 8 10.51 -3.03 -3.72
CA PRO B 8 9.70 -2.95 -4.94
C PRO B 8 8.77 -4.14 -5.06
N GLY B 9 8.04 -4.22 -6.16
CA GLY B 9 7.25 -5.40 -6.43
C GLY B 9 8.14 -6.55 -6.86
N THR B 10 9.13 -6.23 -7.70
CA THR B 10 10.08 -7.22 -8.17
C THR B 10 11.47 -6.61 -8.17
N LEU B 11 12.41 -7.31 -7.54
CA LEU B 11 13.81 -6.92 -7.50
C LEU B 11 14.62 -7.94 -8.30
N SER B 12 15.38 -7.46 -9.29
CA SER B 12 16.12 -8.35 -10.19
C SER B 12 17.61 -8.12 -9.97
N LEU B 13 18.27 -9.09 -9.35
CA LEU B 13 19.68 -9.01 -9.02
C LEU B 13 20.36 -10.32 -9.41
N SER B 14 21.66 -10.40 -9.15
CA SER B 14 22.42 -11.63 -9.41
C SER B 14 23.12 -12.09 -8.14
N PRO B 15 23.48 -13.36 -8.06
CA PRO B 15 24.20 -13.88 -6.89
C PRO B 15 25.45 -13.07 -6.59
N GLY B 16 25.60 -12.68 -5.33
CA GLY B 16 26.71 -11.85 -4.90
C GLY B 16 26.38 -10.39 -4.71
N GLU B 17 25.22 -9.94 -5.19
CA GLU B 17 24.82 -8.55 -5.05
C GLU B 17 24.00 -8.35 -3.77
N ARG B 18 23.57 -7.12 -3.57
CA ARG B 18 22.91 -6.69 -2.35
C ARG B 18 21.43 -6.44 -2.63
N ALA B 19 20.57 -7.07 -1.86
CA ALA B 19 19.13 -6.87 -1.95
C ALA B 19 18.66 -5.98 -0.81
N THR B 20 17.87 -4.96 -1.15
CA THR B 20 17.32 -4.05 -0.17
C THR B 20 15.80 -4.00 -0.37
N LEU B 21 15.07 -4.63 0.54
CA LEU B 21 13.62 -4.66 0.51
C LEU B 21 13.08 -3.65 1.51
N SER B 22 11.91 -3.09 1.21
CA SER B 22 11.33 -2.03 2.02
C SER B 22 9.92 -2.40 2.46
N CYS B 23 9.60 -2.03 3.70
CA CYS B 23 8.27 -2.21 4.25
C CYS B 23 7.84 -0.86 4.81
N ARG B 24 6.69 -0.37 4.37
CA ARG B 24 6.15 0.90 4.84
C ARG B 24 4.89 0.64 5.66
N ALA B 25 4.84 1.20 6.86
CA ALA B 25 3.66 1.14 7.70
C ALA B 25 2.91 2.46 7.63
N SER B 26 1.57 2.37 7.59
CA SER B 26 0.73 3.56 7.52
C SER B 26 0.80 4.42 8.78
N GLN B 27 1.30 3.89 9.88
CA GLN B 27 1.42 4.63 11.13
C GLN B 27 2.76 4.30 11.77
N SER B 28 3.33 5.27 12.48
CA SER B 28 4.59 5.06 13.17
C SER B 28 4.50 3.81 14.05
N LEU B 29 5.63 3.12 14.20
CA LEU B 29 5.61 1.73 14.67
C LEU B 29 6.69 1.51 15.72
N SER B 30 6.31 1.65 16.98
CA SER B 30 7.15 1.23 18.10
C SER B 30 6.36 0.17 18.89
N SER B 31 7.02 -0.80 19.51
CA SER B 31 8.48 -0.92 19.57
C SER B 31 9.00 -1.92 18.55
N LYS B 32 8.93 -1.56 17.28
CA LYS B 32 9.53 -2.35 16.20
C LYS B 32 9.03 -3.79 16.21
N TYR B 33 7.70 -3.93 16.29
CA TYR B 33 7.03 -5.23 16.21
C TYR B 33 6.72 -5.55 14.74
N LEU B 34 7.78 -5.75 13.99
CA LEU B 34 7.70 -6.11 12.59
C LEU B 34 8.35 -7.48 12.42
N ALA B 35 8.11 -8.12 11.29
CA ALA B 35 8.80 -9.35 10.96
C ALA B 35 8.94 -9.50 9.46
N TRP B 36 9.99 -10.20 9.06
CA TRP B 36 10.27 -10.51 7.67
C TRP B 36 10.22 -12.02 7.47
N TYR B 37 9.59 -12.45 6.39
CA TYR B 37 9.43 -13.87 6.11
C TYR B 37 9.96 -14.18 4.71
N GLN B 38 10.32 -15.44 4.49
CA GLN B 38 10.78 -15.91 3.20
C GLN B 38 9.83 -16.99 2.71
N GLN B 39 9.44 -16.90 1.44
CA GLN B 39 8.53 -17.87 0.84
C GLN B 39 9.17 -18.44 -0.41
N LYS B 40 9.58 -19.68 -0.32
CA LYS B 40 10.00 -20.41 -1.50
C LYS B 40 8.83 -21.24 -2.03
N PRO B 41 8.81 -21.55 -3.32
CA PRO B 41 7.62 -22.20 -3.89
C PRO B 41 7.39 -23.57 -3.29
N GLY B 42 6.14 -23.86 -2.95
CA GLY B 42 5.81 -25.11 -2.32
C GLY B 42 6.40 -25.28 -0.94
N GLN B 43 6.77 -24.18 -0.28
CA GLN B 43 7.31 -24.21 1.07
C GLN B 43 6.52 -23.26 1.95
N ALA B 44 6.47 -23.57 3.23
CA ALA B 44 5.82 -22.68 4.18
C ALA B 44 6.73 -21.51 4.52
N PRO B 45 6.17 -20.35 4.87
CA PRO B 45 7.01 -19.19 5.18
C PRO B 45 8.01 -19.47 6.27
N ARG B 46 9.14 -18.77 6.20
CA ARG B 46 10.23 -18.90 7.16
C ARG B 46 10.55 -17.53 7.74
N LEU B 47 10.48 -17.43 9.06
CA LEU B 47 10.87 -16.20 9.73
C LEU B 47 12.36 -15.97 9.59
N LEU B 48 12.73 -14.79 9.09
CA LEU B 48 14.12 -14.37 8.97
C LEU B 48 14.50 -13.38 10.05
N ILE B 49 13.65 -12.37 10.25
CA ILE B 49 13.90 -11.28 11.16
C ILE B 49 12.65 -11.10 12.01
N TYR B 50 12.83 -11.05 13.32
CA TYR B 50 11.76 -10.68 14.24
C TYR B 50 12.20 -9.41 14.97
N GLY B 51 11.26 -8.80 15.67
CA GLY B 51 11.47 -7.39 15.96
C GLY B 51 11.61 -6.67 14.64
N ALA B 52 12.50 -5.69 14.60
CA ALA B 52 12.85 -5.07 13.33
C ALA B 52 14.29 -5.36 12.91
N SER B 53 15.11 -5.88 13.81
CA SER B 53 16.52 -6.09 13.51
C SER B 53 17.06 -7.38 14.07
N SER B 54 16.25 -8.18 14.74
CA SER B 54 16.70 -9.39 15.41
C SER B 54 16.62 -10.57 14.46
N ARG B 55 17.77 -11.14 14.14
CA ARG B 55 17.84 -12.27 13.23
C ARG B 55 17.40 -13.54 13.94
N ALA B 56 16.59 -14.34 13.26
CA ALA B 56 16.06 -15.56 13.85
C ALA B 56 17.07 -16.69 13.78
N THR B 57 16.94 -17.62 14.72
CA THR B 57 17.87 -18.74 14.83
C THR B 57 17.92 -19.53 13.53
N GLY B 58 19.14 -19.89 13.13
CA GLY B 58 19.38 -20.70 11.95
C GLY B 58 19.34 -19.95 10.64
N ILE B 59 19.32 -18.63 10.65
CA ILE B 59 19.20 -17.82 9.44
C ILE B 59 20.57 -17.26 9.10
N PRO B 60 21.06 -17.42 7.87
CA PRO B 60 22.38 -16.92 7.51
C PRO B 60 22.59 -15.47 7.94
N ASP B 61 23.83 -15.17 8.31
CA ASP B 61 24.21 -13.82 8.73
C ASP B 61 24.11 -12.79 7.60
N ARG B 62 23.88 -13.23 6.36
CA ARG B 62 23.73 -12.28 5.26
C ARG B 62 22.37 -11.62 5.24
N PHE B 63 21.42 -12.10 6.05
CA PHE B 63 20.16 -11.43 6.25
C PHE B 63 20.26 -10.46 7.43
N SER B 64 19.66 -9.29 7.28
CA SER B 64 19.66 -8.31 8.36
C SER B 64 18.55 -7.28 8.10
N GLY B 65 17.87 -6.90 9.18
CA GLY B 65 16.79 -5.93 9.09
C GLY B 65 17.09 -4.66 9.86
N SER B 66 16.36 -3.59 9.54
CA SER B 66 16.58 -2.31 10.22
C SER B 66 15.37 -1.42 9.94
N GLY B 67 15.45 -0.18 10.39
CA GLY B 67 14.40 0.79 10.19
C GLY B 67 13.70 1.15 11.48
N SER B 68 12.74 2.06 11.34
CA SER B 68 12.00 2.57 12.48
C SER B 68 10.89 3.46 11.96
N GLY B 69 9.94 3.75 12.84
CA GLY B 69 8.82 4.59 12.47
C GLY B 69 7.96 3.90 11.43
N THR B 70 7.87 4.51 10.25
CA THR B 70 7.01 4.04 9.17
C THR B 70 7.77 3.23 8.12
N ASP B 71 9.10 3.28 8.11
CA ASP B 71 9.89 2.68 7.05
C ASP B 71 10.86 1.67 7.62
N PHE B 72 10.78 0.44 7.12
CA PHE B 72 11.67 -0.62 7.53
C PHE B 72 12.28 -1.25 6.29
N THR B 73 13.35 -2.01 6.49
CA THR B 73 14.06 -2.53 5.33
C THR B 73 14.74 -3.84 5.67
N LEU B 74 14.70 -4.76 4.72
CA LEU B 74 15.43 -6.02 4.80
C LEU B 74 16.56 -5.98 3.80
N THR B 75 17.77 -6.26 4.27
CA THR B 75 18.94 -6.27 3.41
C THR B 75 19.53 -7.67 3.37
N ILE B 76 19.84 -8.15 2.18
CA ILE B 76 20.49 -9.45 2.00
C ILE B 76 21.88 -9.14 1.45
N SER B 77 22.89 -9.28 2.30
CA SER B 77 24.23 -8.79 2.00
C SER B 77 24.74 -9.31 0.66
N ARG B 78 24.85 -10.63 0.53
CA ARG B 78 25.47 -11.26 -0.65
C ARG B 78 24.54 -12.36 -1.13
N LEU B 79 23.62 -12.00 -2.02
CA LEU B 79 22.63 -12.93 -2.54
C LEU B 79 23.25 -14.25 -2.95
N GLU B 80 22.69 -15.33 -2.42
CA GLU B 80 23.01 -16.68 -2.83
C GLU B 80 21.86 -17.23 -3.66
N PRO B 81 22.12 -18.22 -4.51
CA PRO B 81 21.05 -18.72 -5.39
C PRO B 81 19.77 -19.07 -4.66
N GLU B 82 19.86 -19.50 -3.40
CA GLU B 82 18.69 -19.91 -2.65
C GLU B 82 17.98 -18.74 -1.97
N ASP B 83 18.50 -17.52 -2.08
CA ASP B 83 17.84 -16.35 -1.53
C ASP B 83 16.86 -15.72 -2.50
N PHE B 84 16.73 -16.28 -3.69
CA PHE B 84 15.80 -15.75 -4.68
C PHE B 84 14.43 -16.35 -4.43
N ALA B 85 13.60 -15.60 -3.72
CA ALA B 85 12.29 -16.06 -3.29
C ALA B 85 11.43 -14.83 -3.03
N VAL B 86 10.26 -15.04 -2.42
CA VAL B 86 9.32 -13.99 -2.11
C VAL B 86 9.47 -13.63 -0.64
N TYR B 87 9.48 -12.33 -0.34
CA TYR B 87 9.69 -11.84 1.02
C TYR B 87 8.50 -10.99 1.44
N SER B 88 7.98 -11.27 2.64
CA SER B 88 6.81 -10.57 3.15
C SER B 88 7.15 -9.98 4.51
N CYS B 89 6.66 -8.77 4.76
CA CYS B 89 6.83 -8.15 6.07
C CYS B 89 5.51 -8.21 6.81
N GLN B 90 5.59 -8.32 8.14
CA GLN B 90 4.41 -8.47 8.96
C GLN B 90 4.50 -7.54 10.17
N GLN B 91 3.37 -6.97 10.54
CA GLN B 91 3.26 -6.08 11.69
C GLN B 91 2.38 -6.76 12.73
N TYR B 92 2.87 -6.80 13.97
CA TYR B 92 2.12 -7.37 15.08
C TYR B 92 2.08 -6.39 16.25
N ASP B 93 2.15 -5.10 15.94
CA ASP B 93 2.08 -4.06 16.96
C ASP B 93 0.68 -3.94 17.52
N GLY B 94 -0.32 -3.88 16.64
CA GLY B 94 -1.72 -3.87 17.04
C GLY B 94 -2.50 -4.86 16.21
N VAL B 95 -3.80 -4.94 16.48
CA VAL B 95 -4.65 -5.84 15.71
C VAL B 95 -5.56 -5.02 14.79
N PRO B 96 -5.86 -5.55 13.59
CA PRO B 96 -5.41 -6.87 13.15
C PRO B 96 -3.93 -6.88 12.74
N ARG B 97 -3.28 -8.02 12.90
CA ARG B 97 -1.92 -8.17 12.40
C ARG B 97 -1.95 -8.16 10.88
N THR B 98 -1.00 -7.48 10.27
CA THR B 98 -1.06 -7.26 8.83
C THR B 98 0.22 -7.70 8.15
N PHE B 99 0.06 -8.12 6.90
CA PHE B 99 1.15 -8.54 6.04
C PHE B 99 1.24 -7.57 4.87
N GLY B 100 2.46 -7.40 4.36
CA GLY B 100 2.64 -6.71 3.10
C GLY B 100 2.22 -7.60 1.95
N GLN B 101 2.29 -7.05 0.74
CA GLN B 101 1.93 -7.82 -0.44
C GLN B 101 3.02 -8.78 -0.86
N GLY B 102 4.23 -8.60 -0.35
CA GLY B 102 5.36 -9.40 -0.75
C GLY B 102 6.21 -8.70 -1.79
N THR B 103 7.52 -8.92 -1.71
CA THR B 103 8.46 -8.49 -2.73
C THR B 103 9.14 -9.74 -3.29
N THR B 104 9.38 -9.74 -4.60
CA THR B 104 9.98 -10.88 -5.28
C THR B 104 11.40 -10.52 -5.67
N VAL B 105 12.36 -11.35 -5.26
CA VAL B 105 13.74 -11.23 -5.70
C VAL B 105 13.96 -12.26 -6.79
N GLU B 106 14.37 -11.81 -7.97
CA GLU B 106 14.63 -12.69 -9.09
C GLU B 106 16.05 -12.48 -9.58
N ILE B 107 16.51 -13.43 -10.39
CA ILE B 107 17.83 -13.35 -10.98
C ILE B 107 17.77 -12.44 -12.20
N LYS B 108 18.68 -11.48 -12.27
CA LYS B 108 18.79 -10.61 -13.43
C LYS B 108 19.64 -11.31 -14.48
N ARG B 109 19.18 -11.30 -15.72
CA ARG B 109 19.91 -11.89 -16.84
C ARG B 109 19.69 -11.01 -18.06
N THR B 110 20.20 -11.47 -19.20
CA THR B 110 20.08 -10.70 -20.43
C THR B 110 18.67 -10.79 -21.00
N VAL B 111 18.24 -9.70 -21.62
CA VAL B 111 16.92 -9.67 -22.25
C VAL B 111 16.83 -10.79 -23.28
N ALA B 112 15.75 -11.55 -23.21
CA ALA B 112 15.48 -12.65 -24.15
C ALA B 112 14.09 -12.47 -24.72
N ALA B 113 14.00 -12.10 -26.00
CA ALA B 113 12.72 -12.07 -26.66
C ALA B 113 12.14 -13.50 -26.68
N PRO B 114 10.83 -13.64 -26.52
CA PRO B 114 10.24 -14.98 -26.51
C PRO B 114 10.13 -15.60 -27.90
N SER B 115 10.23 -16.92 -27.94
CA SER B 115 9.86 -17.70 -29.11
C SER B 115 8.37 -18.00 -29.03
N VAL B 116 7.60 -17.45 -29.97
CA VAL B 116 6.15 -17.52 -29.93
C VAL B 116 5.68 -18.64 -30.84
N PHE B 117 4.75 -19.44 -30.33
CA PHE B 117 4.17 -20.54 -31.08
C PHE B 117 2.67 -20.55 -30.84
N ILE B 118 1.91 -20.86 -31.88
CA ILE B 118 0.45 -20.86 -31.82
C ILE B 118 -0.04 -22.23 -32.28
N PHE B 119 -0.96 -22.82 -31.51
CA PHE B 119 -1.46 -24.16 -31.78
C PHE B 119 -2.92 -24.13 -32.16
N PRO B 120 -3.29 -24.43 -33.40
CA PRO B 120 -4.71 -24.53 -33.73
C PRO B 120 -5.37 -25.64 -32.94
N PRO B 121 -6.69 -25.62 -32.78
CA PRO B 121 -7.34 -26.68 -32.00
C PRO B 121 -7.09 -28.05 -32.60
N SER B 122 -7.31 -29.08 -31.80
CA SER B 122 -7.19 -30.46 -32.27
C SER B 122 -8.53 -30.95 -32.78
N ASP B 123 -8.48 -31.71 -33.89
CA ASP B 123 -9.71 -32.28 -34.43
C ASP B 123 -10.44 -33.12 -33.39
N GLU B 124 -9.73 -33.53 -32.34
CA GLU B 124 -10.32 -34.32 -31.27
C GLU B 124 -11.16 -33.45 -30.35
N GLN B 125 -10.70 -32.25 -30.04
CA GLN B 125 -11.52 -31.31 -29.30
C GLN B 125 -12.62 -30.71 -30.16
N LEU B 126 -12.50 -30.80 -31.48
CA LEU B 126 -13.57 -30.33 -32.36
C LEU B 126 -14.68 -31.35 -32.52
N LYS B 127 -14.44 -32.62 -32.20
CA LYS B 127 -15.55 -33.55 -32.03
C LYS B 127 -16.42 -33.08 -30.88
N SER B 128 -15.81 -32.90 -29.71
CA SER B 128 -16.42 -32.07 -28.68
C SER B 128 -16.79 -30.74 -29.31
N GLY B 129 -17.68 -30.00 -28.67
CA GLY B 129 -18.18 -28.78 -29.28
C GLY B 129 -17.38 -27.56 -28.95
N THR B 130 -16.10 -27.77 -28.64
CA THR B 130 -15.26 -26.73 -28.06
C THR B 130 -13.95 -26.66 -28.82
N ALA B 131 -13.37 -25.46 -28.86
CA ALA B 131 -12.06 -25.25 -29.47
C ALA B 131 -11.19 -24.46 -28.50
N SER B 132 -9.91 -24.81 -28.50
CA SER B 132 -8.93 -24.11 -27.68
C SER B 132 -7.69 -23.88 -28.53
N VAL B 133 -7.41 -22.62 -28.84
CA VAL B 133 -6.20 -22.21 -29.51
C VAL B 133 -5.23 -21.75 -28.43
N VAL B 134 -3.97 -22.15 -28.57
CA VAL B 134 -2.96 -21.90 -27.55
C VAL B 134 -1.83 -21.09 -28.17
N CYS B 135 -1.33 -20.14 -27.40
CA CYS B 135 -0.14 -19.37 -27.76
C CYS B 135 0.91 -19.61 -26.70
N LEU B 136 2.08 -20.08 -27.11
CA LEU B 136 3.19 -20.30 -26.20
C LEU B 136 4.21 -19.18 -26.34
N LEU B 137 4.68 -18.68 -25.20
CA LEU B 137 5.75 -17.71 -25.13
C LEU B 137 6.92 -18.37 -24.41
N ASN B 138 7.99 -18.68 -25.14
CA ASN B 138 9.02 -19.58 -24.67
C ASN B 138 10.28 -18.83 -24.26
N ASN B 139 10.79 -19.14 -23.08
CA ASN B 139 12.12 -18.72 -22.64
C ASN B 139 12.40 -17.26 -23.00
N PHE B 140 11.71 -16.36 -22.30
CA PHE B 140 11.94 -14.94 -22.42
C PHE B 140 12.33 -14.33 -21.07
N TYR B 141 12.87 -13.13 -21.16
CA TYR B 141 13.19 -12.32 -19.99
C TYR B 141 13.28 -10.85 -20.42
N PRO B 142 12.74 -9.92 -19.62
CA PRO B 142 12.06 -10.08 -18.33
C PRO B 142 10.65 -10.64 -18.39
N ARG B 143 10.06 -10.82 -17.22
CA ARG B 143 8.78 -11.50 -17.08
C ARG B 143 7.65 -10.74 -17.78
N GLU B 144 7.77 -9.42 -17.87
CA GLU B 144 6.68 -8.60 -18.41
C GLU B 144 6.45 -8.92 -19.87
N ALA B 145 5.24 -9.34 -20.21
CA ALA B 145 4.88 -9.66 -21.58
C ALA B 145 3.39 -9.41 -21.77
N LYS B 146 3.00 -8.96 -22.95
CA LYS B 146 1.61 -8.73 -23.28
C LYS B 146 1.18 -9.69 -24.39
N VAL B 147 0.16 -10.49 -24.10
CA VAL B 147 -0.38 -11.45 -25.06
C VAL B 147 -1.79 -10.99 -25.41
N GLN B 148 -2.04 -10.78 -26.71
CA GLN B 148 -3.34 -10.32 -27.17
C GLN B 148 -3.84 -11.22 -28.30
N TRP B 149 -5.08 -11.65 -28.19
CA TRP B 149 -5.73 -12.49 -29.19
C TRP B 149 -6.51 -11.63 -30.17
N LYS B 150 -6.32 -11.89 -31.47
CA LYS B 150 -7.05 -11.23 -32.52
C LYS B 150 -7.72 -12.30 -33.38
N VAL B 151 -9.04 -12.32 -33.39
CA VAL B 151 -9.80 -13.28 -34.17
C VAL B 151 -10.38 -12.51 -35.36
N ASP B 152 -9.79 -12.71 -36.54
CA ASP B 152 -10.23 -12.02 -37.75
C ASP B 152 -10.25 -10.51 -37.53
N ASN B 153 -9.11 -9.97 -37.10
CA ASN B 153 -8.92 -8.53 -36.89
C ASN B 153 -9.73 -7.98 -35.72
N ALA B 154 -10.11 -8.85 -34.77
CA ALA B 154 -11.00 -8.48 -33.67
C ALA B 154 -10.30 -8.82 -32.35
N LEU B 155 -9.78 -7.79 -31.67
CA LEU B 155 -9.14 -8.00 -30.37
C LEU B 155 -10.12 -8.65 -29.41
N GLN B 156 -9.65 -9.71 -28.76
CA GLN B 156 -10.50 -10.48 -27.85
C GLN B 156 -10.32 -10.01 -26.42
N SER B 157 -11.33 -10.28 -25.60
CA SER B 157 -11.31 -9.92 -24.19
C SER B 157 -12.24 -10.85 -23.43
N GLY B 158 -11.76 -11.37 -22.31
CA GLY B 158 -12.57 -12.17 -21.40
C GLY B 158 -12.67 -13.64 -21.73
N ASN B 159 -12.23 -14.06 -22.92
CA ASN B 159 -12.29 -15.46 -23.31
C ASN B 159 -10.91 -16.11 -23.38
N SER B 160 -9.94 -15.54 -22.68
CA SER B 160 -8.59 -16.10 -22.68
C SER B 160 -8.03 -16.05 -21.28
N GLN B 161 -7.26 -17.07 -20.93
CA GLN B 161 -6.57 -17.16 -19.67
C GLN B 161 -5.12 -17.54 -19.96
N GLU B 162 -4.21 -17.09 -19.10
CA GLU B 162 -2.80 -17.39 -19.31
C GLU B 162 -2.13 -17.71 -17.98
N SER B 163 -0.99 -18.39 -18.09
CA SER B 163 -0.24 -18.87 -16.94
C SER B 163 1.24 -18.70 -17.24
N VAL B 164 2.03 -18.41 -16.20
CA VAL B 164 3.46 -18.18 -16.35
C VAL B 164 4.22 -19.15 -15.46
N THR B 165 5.33 -19.68 -15.97
CA THR B 165 6.16 -20.59 -15.19
C THR B 165 7.13 -19.81 -14.31
N GLU B 166 7.26 -20.24 -13.06
N GLU B 166 7.27 -20.25 -13.06
CA GLU B 166 8.43 -19.95 -12.23
CA GLU B 166 8.43 -19.95 -12.23
C GLU B 166 9.69 -19.74 -13.06
C GLU B 166 9.69 -19.75 -13.05
N GLN B 167 10.58 -18.88 -12.56
CA GLN B 167 11.85 -18.63 -13.25
C GLN B 167 12.68 -19.90 -13.34
N ASP B 168 13.17 -20.19 -14.53
CA ASP B 168 14.00 -21.37 -14.75
C ASP B 168 15.27 -21.31 -13.92
N SER B 169 15.58 -22.42 -13.24
CA SER B 169 16.81 -22.48 -12.46
C SER B 169 18.06 -22.50 -13.33
N LYS B 170 17.95 -22.94 -14.58
CA LYS B 170 19.12 -23.05 -15.46
C LYS B 170 19.42 -21.74 -16.19
N ASP B 171 18.47 -21.24 -16.96
CA ASP B 171 18.68 -20.05 -17.78
C ASP B 171 17.89 -18.84 -17.27
N SER B 172 17.30 -18.92 -16.08
CA SER B 172 16.62 -17.79 -15.45
C SER B 172 15.60 -17.15 -16.39
N THR B 173 14.87 -17.96 -17.14
CA THR B 173 13.88 -17.46 -18.07
C THR B 173 12.48 -17.72 -17.52
N TYR B 174 11.53 -16.98 -18.07
CA TYR B 174 10.11 -17.20 -17.82
C TYR B 174 9.45 -17.71 -19.10
N SER B 175 8.34 -18.42 -18.91
CA SER B 175 7.55 -18.93 -20.03
C SER B 175 6.08 -18.74 -19.71
N LEU B 176 5.28 -18.58 -20.76
CA LEU B 176 3.88 -18.19 -20.62
C LEU B 176 3.07 -18.89 -21.69
N SER B 177 1.87 -19.34 -21.33
CA SER B 177 0.94 -19.92 -22.29
C SER B 177 -0.44 -19.29 -22.09
N SER B 178 -1.01 -18.76 -23.15
CA SER B 178 -2.36 -18.22 -23.15
C SER B 178 -3.28 -19.19 -23.90
N THR B 179 -4.54 -19.26 -23.45
CA THR B 179 -5.49 -20.21 -24.02
C THR B 179 -6.80 -19.48 -24.30
N LEU B 180 -7.09 -19.30 -25.58
CA LEU B 180 -8.36 -18.73 -26.03
C LEU B 180 -9.35 -19.87 -26.25
N THR B 181 -10.39 -19.93 -25.42
CA THR B 181 -11.38 -20.99 -25.49
C THR B 181 -12.58 -20.51 -26.29
N LEU B 182 -12.92 -21.25 -27.32
CA LEU B 182 -14.03 -20.92 -28.21
C LEU B 182 -14.89 -22.16 -28.37
N SER B 183 -16.12 -21.95 -28.83
CA SER B 183 -16.98 -23.07 -29.16
C SER B 183 -16.84 -23.39 -30.64
N LYS B 184 -16.93 -24.69 -30.95
CA LYS B 184 -16.82 -25.13 -32.34
C LYS B 184 -17.67 -24.27 -33.26
N ALA B 185 -18.87 -23.88 -32.82
CA ALA B 185 -19.75 -23.05 -33.64
C ALA B 185 -19.09 -21.73 -34.01
N ASP B 186 -18.65 -20.98 -32.99
CA ASP B 186 -17.99 -19.70 -33.25
C ASP B 186 -16.64 -19.89 -33.93
N TYR B 187 -15.92 -20.95 -33.58
CA TYR B 187 -14.61 -21.18 -34.18
C TYR B 187 -14.72 -21.36 -35.69
N GLU B 188 -15.76 -22.05 -36.15
CA GLU B 188 -15.96 -22.33 -37.57
C GLU B 188 -16.51 -21.14 -38.34
N LYS B 189 -16.54 -19.95 -37.72
CA LYS B 189 -17.02 -18.74 -38.37
C LYS B 189 -15.90 -17.78 -38.70
N HIS B 190 -14.65 -18.16 -38.47
CA HIS B 190 -13.54 -17.23 -38.53
C HIS B 190 -12.42 -17.79 -39.39
N LYS B 191 -11.74 -16.88 -40.09
CA LYS B 191 -10.61 -17.26 -40.92
C LYS B 191 -9.30 -17.27 -40.15
N VAL B 192 -8.90 -16.12 -39.62
CA VAL B 192 -7.57 -15.92 -39.08
C VAL B 192 -7.64 -15.90 -37.56
N TYR B 193 -6.75 -16.67 -36.93
CA TYR B 193 -6.55 -16.67 -35.50
C TYR B 193 -5.11 -16.29 -35.22
N ALA B 194 -4.89 -15.27 -34.39
CA ALA B 194 -3.58 -14.68 -34.25
C ALA B 194 -3.25 -14.42 -32.78
N CYS B 195 -1.95 -14.45 -32.49
CA CYS B 195 -1.41 -14.16 -31.17
C CYS B 195 -0.42 -13.01 -31.35
N GLU B 196 -0.72 -11.85 -30.78
CA GLU B 196 0.17 -10.70 -30.85
C GLU B 196 0.89 -10.54 -29.52
N VAL B 197 2.23 -10.47 -29.59
CA VAL B 197 3.08 -10.45 -28.40
C VAL B 197 3.86 -9.16 -28.37
N THR B 198 3.93 -8.54 -27.19
CA THR B 198 4.70 -7.31 -26.99
C THR B 198 5.68 -7.56 -25.85
N HIS B 199 6.97 -7.47 -26.16
CA HIS B 199 8.02 -7.74 -25.18
C HIS B 199 9.18 -6.79 -25.41
N GLN B 200 9.81 -6.38 -24.31
CA GLN B 200 10.95 -5.49 -24.36
C GLN B 200 12.07 -6.02 -25.25
N GLY B 201 12.10 -7.33 -25.50
CA GLY B 201 13.10 -7.93 -26.35
C GLY B 201 12.78 -7.88 -27.83
N LEU B 202 11.55 -7.56 -28.19
CA LEU B 202 11.14 -7.46 -29.58
C LEU B 202 11.11 -6.00 -30.00
N SER B 203 11.59 -5.73 -31.22
CA SER B 203 11.56 -4.37 -31.74
C SER B 203 10.13 -3.84 -31.82
N SER B 204 9.22 -4.67 -32.31
CA SER B 204 7.81 -4.29 -32.42
C SER B 204 6.97 -5.52 -32.20
N PRO B 205 5.68 -5.38 -31.88
CA PRO B 205 4.82 -6.54 -31.67
C PRO B 205 4.99 -7.61 -32.74
N VAL B 206 5.21 -8.85 -32.29
CA VAL B 206 5.25 -10.02 -33.16
C VAL B 206 3.88 -10.67 -33.15
N THR B 207 3.42 -11.10 -34.32
CA THR B 207 2.14 -11.78 -34.45
C THR B 207 2.36 -13.16 -35.03
N LYS B 208 1.62 -14.13 -34.50
CA LYS B 208 1.69 -15.52 -34.94
C LYS B 208 0.28 -15.97 -35.25
N SER B 209 -0.02 -16.17 -36.54
CA SER B 209 -1.37 -16.44 -36.99
C SER B 209 -1.40 -17.74 -37.77
N PHE B 210 -2.62 -18.17 -38.06
CA PHE B 210 -2.88 -19.35 -38.88
C PHE B 210 -4.30 -19.22 -39.42
N ASN B 211 -4.55 -19.91 -40.53
CA ASN B 211 -5.86 -19.92 -41.16
C ASN B 211 -6.60 -21.20 -40.76
N ARG B 212 -7.88 -21.07 -40.50
CA ARG B 212 -8.70 -22.21 -40.11
C ARG B 212 -8.67 -23.27 -41.21
N GLY B 213 -8.24 -24.47 -40.85
CA GLY B 213 -8.20 -25.58 -41.78
C GLY B 213 -7.15 -25.43 -42.86
N GLU B 214 -5.88 -25.40 -42.46
CA GLU B 214 -4.78 -25.29 -43.43
C GLU B 214 -3.50 -25.90 -42.87
N GLN C 1 12.71 -31.10 17.80
CA GLN C 1 12.57 -29.94 16.95
C GLN C 1 11.09 -29.65 16.69
N VAL C 2 10.65 -28.48 17.16
CA VAL C 2 9.27 -28.04 17.02
C VAL C 2 8.79 -28.27 15.60
N GLN C 3 7.60 -28.85 15.45
CA GLN C 3 7.06 -29.16 14.12
C GLN C 3 5.55 -29.19 14.20
N LEU C 4 4.90 -28.23 13.55
CA LEU C 4 3.46 -28.20 13.42
C LEU C 4 3.03 -28.96 12.17
N VAL C 5 1.95 -29.72 12.29
CA VAL C 5 1.47 -30.58 11.21
C VAL C 5 -0.04 -30.40 11.10
N GLN C 6 -0.50 -29.93 9.96
CA GLN C 6 -1.92 -29.65 9.76
C GLN C 6 -2.59 -30.80 9.01
N SER C 7 -3.92 -30.76 9.01
CA SER C 7 -4.71 -31.75 8.30
C SER C 7 -4.49 -31.62 6.79
N GLY C 8 -5.14 -32.51 6.03
CA GLY C 8 -4.91 -32.59 4.60
C GLY C 8 -5.81 -31.69 3.79
N ALA C 9 -5.53 -31.64 2.48
CA ALA C 9 -6.31 -30.82 1.58
C ALA C 9 -7.78 -31.22 1.61
N GLU C 10 -8.66 -30.22 1.62
CA GLU C 10 -10.10 -30.46 1.65
C GLU C 10 -10.79 -29.75 0.49
N VAL C 11 -11.90 -30.34 0.06
CA VAL C 11 -12.77 -29.78 -0.97
C VAL C 11 -14.15 -29.64 -0.36
N LYS C 12 -14.71 -28.43 -0.43
CA LYS C 12 -15.97 -28.13 0.21
C LYS C 12 -16.87 -27.38 -0.77
N LYS C 13 -18.12 -27.53 -0.58
CA LYS C 13 -19.08 -26.86 -1.43
C LYS C 13 -19.48 -25.52 -0.81
N PRO C 14 -19.89 -24.56 -1.64
CA PRO C 14 -20.25 -23.24 -1.11
C PRO C 14 -21.30 -23.34 -0.03
N GLY C 15 -21.18 -22.47 0.98
CA GLY C 15 -22.10 -22.45 2.09
C GLY C 15 -21.73 -23.36 3.25
N SER C 16 -20.83 -24.31 3.05
CA SER C 16 -20.44 -25.25 4.10
C SER C 16 -19.45 -24.58 5.06
N SER C 17 -18.86 -25.39 5.92
CA SER C 17 -17.83 -24.95 6.84
C SER C 17 -16.71 -25.99 6.84
N VAL C 18 -15.50 -25.55 7.15
CA VAL C 18 -14.33 -26.42 7.16
C VAL C 18 -13.59 -26.23 8.46
N LYS C 19 -13.07 -27.33 9.00
CA LYS C 19 -12.26 -27.29 10.22
C LYS C 19 -10.88 -27.84 9.89
N VAL C 20 -9.86 -27.00 10.06
CA VAL C 20 -8.47 -27.40 9.83
C VAL C 20 -7.80 -27.54 11.19
N SER C 21 -6.89 -28.51 11.29
CA SER C 21 -6.23 -28.82 12.55
C SER C 21 -4.75 -28.50 12.46
N CYS C 22 -4.16 -28.26 13.62
CA CYS C 22 -2.74 -27.91 13.76
C CYS C 22 -2.17 -28.69 14.93
N ARG C 23 -1.48 -29.78 14.64
CA ARG C 23 -0.99 -30.69 15.65
C ARG C 23 0.46 -30.36 15.99
N ALA C 24 0.75 -30.30 17.29
CA ALA C 24 2.12 -30.11 17.76
C ALA C 24 2.79 -31.48 17.89
N SER C 25 4.04 -31.57 17.42
CA SER C 25 4.67 -32.87 17.26
C SER C 25 6.12 -32.91 17.70
N GLY C 26 6.62 -31.89 18.38
CA GLY C 26 7.98 -31.94 18.88
C GLY C 26 8.13 -32.68 20.19
N THR C 31 4.32 -27.53 26.50
CA THR C 31 3.81 -26.24 26.92
C THR C 31 2.85 -25.69 25.86
N PHE C 32 2.06 -26.58 25.24
CA PHE C 32 1.21 -26.17 24.13
C PHE C 32 0.21 -25.10 24.54
N SER C 33 -0.49 -25.30 25.66
CA SER C 33 -1.49 -24.36 26.13
C SER C 33 -0.91 -22.99 26.47
N ALA C 34 0.41 -22.84 26.51
CA ALA C 34 1.03 -21.58 26.88
C ALA C 34 1.25 -20.63 25.71
N TYR C 35 1.30 -21.14 24.48
CA TYR C 35 1.59 -20.31 23.32
C TYR C 35 0.31 -19.73 22.71
N ALA C 36 0.48 -18.61 22.02
CA ALA C 36 -0.55 -18.07 21.16
C ALA C 36 -0.44 -18.73 19.79
N PHE C 37 -1.59 -19.04 19.19
CA PHE C 37 -1.60 -19.68 17.88
C PHE C 37 -2.29 -18.78 16.87
N THR C 38 -1.64 -18.59 15.74
CA THR C 38 -2.10 -17.70 14.68
C THR C 38 -2.49 -18.52 13.46
N TRP C 39 -3.54 -18.09 12.77
CA TRP C 39 -3.91 -18.68 11.49
C TRP C 39 -3.84 -17.60 10.43
N VAL C 40 -3.12 -17.89 9.35
CA VAL C 40 -3.03 -17.00 8.21
C VAL C 40 -3.30 -17.85 6.97
N ARG C 41 -3.69 -17.16 5.89
CA ARG C 41 -3.97 -17.85 4.64
C ARG C 41 -3.32 -17.10 3.50
N GLN C 42 -3.29 -17.74 2.35
CA GLN C 42 -2.79 -17.13 1.13
C GLN C 42 -3.66 -17.57 -0.04
N ALA C 43 -4.48 -16.65 -0.53
CA ALA C 43 -5.24 -16.91 -1.75
C ALA C 43 -4.31 -16.89 -2.94
N PRO C 44 -4.56 -17.71 -3.95
CA PRO C 44 -3.62 -17.79 -5.08
C PRO C 44 -3.44 -16.43 -5.74
N GLY C 45 -2.18 -16.12 -6.08
CA GLY C 45 -1.87 -14.82 -6.64
C GLY C 45 -2.05 -13.67 -5.69
N GLN C 46 -2.23 -13.94 -4.40
CA GLN C 46 -2.41 -12.92 -3.39
C GLN C 46 -1.34 -13.06 -2.32
N GLY C 47 -1.23 -12.05 -1.46
CA GLY C 47 -0.26 -12.05 -0.39
C GLY C 47 -0.80 -12.72 0.85
N LEU C 48 0.06 -12.80 1.86
CA LEU C 48 -0.33 -13.39 3.12
C LEU C 48 -1.41 -12.55 3.79
N GLU C 49 -2.32 -13.25 4.47
CA GLU C 49 -3.49 -12.64 5.06
C GLU C 49 -3.71 -13.22 6.46
N TRP C 50 -3.74 -12.34 7.46
CA TRP C 50 -4.00 -12.73 8.83
C TRP C 50 -5.48 -12.95 9.05
N MET C 51 -5.83 -14.06 9.68
CA MET C 51 -7.22 -14.39 9.98
C MET C 51 -7.59 -14.22 11.45
N GLY C 52 -6.64 -14.45 12.35
CA GLY C 52 -6.91 -14.35 13.77
C GLY C 52 -5.94 -15.20 14.56
N GLY C 53 -5.95 -14.97 15.87
CA GLY C 53 -5.10 -15.74 16.77
C GLY C 53 -5.78 -15.95 18.10
N ILE C 54 -5.18 -16.81 18.91
CA ILE C 54 -5.71 -17.13 20.23
C ILE C 54 -4.55 -17.12 21.21
N THR C 55 -4.74 -16.42 22.34
CA THR C 55 -3.66 -16.33 23.31
C THR C 55 -3.47 -17.66 24.02
N GLY C 56 -2.32 -17.80 24.65
CA GLY C 56 -1.93 -19.06 25.27
C GLY C 56 -2.67 -19.39 26.54
N MET C 57 -2.45 -18.60 27.60
CA MET C 57 -2.93 -18.94 28.93
C MET C 57 -4.36 -18.49 29.19
N PHE C 58 -4.87 -17.51 28.44
CA PHE C 58 -6.14 -16.90 28.74
C PHE C 58 -7.25 -17.22 27.74
N GLY C 59 -6.93 -17.89 26.64
CA GLY C 59 -7.94 -18.31 25.69
C GLY C 59 -8.68 -17.18 25.00
N THR C 60 -8.14 -15.97 25.04
CA THR C 60 -8.78 -14.83 24.39
C THR C 60 -8.42 -14.83 22.91
N ALA C 61 -9.44 -14.72 22.06
CA ALA C 61 -9.27 -14.86 20.62
C ALA C 61 -9.53 -13.52 19.91
N ASN C 62 -8.68 -13.22 18.93
CA ASN C 62 -8.86 -12.06 18.08
C ASN C 62 -9.09 -12.51 16.64
N TYR C 63 -9.97 -11.80 15.93
CA TYR C 63 -10.27 -12.12 14.54
C TYR C 63 -10.23 -10.84 13.71
N ALA C 64 -10.01 -11.03 12.41
CA ALA C 64 -10.05 -9.90 11.48
C ALA C 64 -11.49 -9.62 11.07
N GLN C 65 -11.84 -8.33 11.02
CA GLN C 65 -13.19 -7.95 10.62
C GLN C 65 -13.60 -8.61 9.31
N LYS C 66 -12.63 -8.86 8.43
CA LYS C 66 -12.93 -9.53 7.18
C LYS C 66 -13.56 -10.91 7.40
N PHE C 67 -13.52 -11.45 8.62
CA PHE C 67 -14.14 -12.75 8.89
C PHE C 67 -15.05 -12.74 10.12
N GLN C 68 -15.35 -11.57 10.70
CA GLN C 68 -16.13 -11.50 11.93
C GLN C 68 -17.32 -12.44 11.88
N GLY C 69 -17.50 -13.23 12.93
CA GLY C 69 -18.61 -14.14 13.05
C GLY C 69 -18.66 -15.22 12.00
N ARG C 70 -17.55 -15.38 11.27
CA ARG C 70 -17.44 -16.40 10.25
C ARG C 70 -16.34 -17.41 10.54
N VAL C 71 -15.43 -17.11 11.46
CA VAL C 71 -14.28 -17.94 11.75
C VAL C 71 -14.23 -18.18 13.25
N THR C 72 -13.85 -19.41 13.63
CA THR C 72 -13.65 -19.75 15.03
C THR C 72 -12.31 -20.43 15.17
N ILE C 73 -11.49 -19.96 16.11
CA ILE C 73 -10.17 -20.51 16.37
C ILE C 73 -10.14 -21.03 17.79
N THR C 74 -9.70 -22.28 17.95
CA THR C 74 -9.64 -22.92 19.24
C THR C 74 -8.28 -23.61 19.41
N ALA C 75 -8.01 -24.00 20.65
CA ALA C 75 -6.75 -24.67 20.99
C ALA C 75 -7.07 -25.72 22.05
N ASP C 76 -6.95 -27.00 21.68
CA ASP C 76 -7.29 -28.09 22.58
C ASP C 76 -6.08 -28.42 23.44
N GLU C 77 -6.19 -28.17 24.74
CA GLU C 77 -5.10 -28.45 25.66
C GLU C 77 -4.80 -29.94 25.73
N LEU C 78 -5.84 -30.77 25.63
CA LEU C 78 -5.68 -32.20 25.85
C LEU C 78 -4.81 -32.83 24.77
N THR C 79 -5.10 -32.56 23.50
CA THR C 79 -4.43 -33.21 22.39
C THR C 79 -3.43 -32.31 21.69
N SER C 80 -3.14 -31.14 22.26
CA SER C 80 -2.14 -30.23 21.71
C SER C 80 -2.43 -29.89 20.24
N THR C 81 -3.70 -29.66 19.94
CA THR C 81 -4.12 -29.35 18.57
C THR C 81 -4.88 -28.02 18.56
N ALA C 82 -4.48 -27.13 17.66
CA ALA C 82 -5.20 -25.90 17.40
C ALA C 82 -6.04 -26.09 16.14
N TYR C 83 -7.24 -25.53 16.15
CA TYR C 83 -8.16 -25.69 15.04
C TYR C 83 -8.58 -24.33 14.48
N MET C 84 -9.01 -24.34 13.23
CA MET C 84 -9.55 -23.16 12.57
C MET C 84 -10.80 -23.58 11.81
N GLU C 85 -11.95 -23.01 12.18
CA GLU C 85 -13.20 -23.34 11.53
C GLU C 85 -13.73 -22.11 10.81
N LEU C 86 -13.97 -22.24 9.52
CA LEU C 86 -14.48 -21.15 8.69
C LEU C 86 -15.80 -21.58 8.09
N SER C 87 -16.85 -20.80 8.35
CA SER C 87 -18.19 -21.16 7.92
C SER C 87 -18.60 -20.29 6.73
N SER C 88 -19.70 -20.70 6.08
CA SER C 88 -20.25 -19.97 4.94
C SER C 88 -19.21 -19.84 3.83
N LEU C 89 -18.57 -20.96 3.51
CA LEU C 89 -17.48 -20.95 2.54
C LEU C 89 -17.94 -20.38 1.21
N THR C 90 -17.00 -19.71 0.53
CA THR C 90 -17.24 -19.14 -0.78
C THR C 90 -16.01 -19.36 -1.65
N SER C 91 -16.23 -19.31 -2.96
CA SER C 91 -15.12 -19.37 -3.91
C SER C 91 -13.99 -18.41 -3.53
N GLU C 92 -14.31 -17.34 -2.83
CA GLU C 92 -13.28 -16.42 -2.38
C GLU C 92 -12.46 -16.99 -1.21
N ASP C 93 -12.78 -18.19 -0.74
CA ASP C 93 -12.08 -18.79 0.39
C ASP C 93 -11.12 -19.90 -0.01
N THR C 94 -11.10 -20.31 -1.28
CA THR C 94 -10.14 -21.33 -1.69
C THR C 94 -8.76 -20.73 -1.55
N ALA C 95 -7.99 -21.22 -0.58
CA ALA C 95 -6.68 -20.66 -0.31
C ALA C 95 -5.84 -21.73 0.38
N LEU C 96 -4.61 -21.36 0.69
CA LEU C 96 -3.74 -22.16 1.54
C LEU C 96 -3.82 -21.61 2.96
N TYR C 97 -4.16 -22.48 3.91
CA TYR C 97 -4.36 -22.07 5.30
C TYR C 97 -3.21 -22.59 6.13
N TYR C 98 -2.64 -21.71 6.95
CA TYR C 98 -1.48 -22.01 7.75
C TYR C 98 -1.80 -21.82 9.22
N CYS C 99 -1.19 -22.66 10.05
CA CYS C 99 -1.15 -22.44 11.48
C CYS C 99 0.29 -22.11 11.84
N ALA C 100 0.45 -21.18 12.76
CA ALA C 100 1.79 -20.75 13.16
C ALA C 100 1.76 -20.40 14.64
N ARG C 101 2.95 -20.30 15.21
CA ARG C 101 3.03 -19.87 16.60
C ARG C 101 4.41 -19.27 16.85
N GLY C 102 4.49 -18.52 17.95
CA GLY C 102 5.76 -18.00 18.43
C GLY C 102 6.13 -18.63 19.76
N LEU C 103 6.70 -17.84 20.66
CA LEU C 103 7.19 -18.35 21.94
C LEU C 103 6.45 -17.78 23.14
N TYR C 104 5.44 -16.96 22.93
CA TYR C 104 4.75 -16.30 24.03
C TYR C 104 3.27 -16.66 24.02
N TYR C 105 2.59 -16.27 25.10
CA TYR C 105 1.15 -16.41 25.20
C TYR C 105 0.43 -15.38 24.33
N TYR C 106 1.12 -14.34 23.89
CA TYR C 106 0.54 -13.32 23.03
C TYR C 106 1.16 -13.40 21.64
N GLU C 107 0.38 -12.98 20.65
CA GLU C 107 0.82 -13.06 19.26
C GLU C 107 2.07 -12.21 19.05
N SER C 108 3.07 -12.80 18.41
CA SER C 108 4.30 -12.09 18.09
C SER C 108 4.73 -12.54 16.69
N SER C 109 6.04 -12.52 16.42
CA SER C 109 6.53 -13.05 15.16
C SER C 109 6.23 -14.55 15.07
N LEU C 110 5.98 -15.02 13.85
CA LEU C 110 5.58 -16.40 13.63
C LEU C 110 6.82 -17.24 13.37
N ASP C 111 7.37 -17.79 14.46
CA ASP C 111 8.60 -18.56 14.37
C ASP C 111 8.38 -19.91 13.72
N TYR C 112 7.22 -20.51 13.94
CA TYR C 112 6.93 -21.86 13.46
C TYR C 112 5.67 -21.84 12.61
N TRP C 113 5.72 -22.60 11.51
CA TRP C 113 4.59 -22.70 10.59
C TRP C 113 4.27 -24.17 10.33
N GLY C 114 2.99 -24.45 10.12
CA GLY C 114 2.60 -25.73 9.58
C GLY C 114 2.97 -25.81 8.11
N GLN C 115 2.70 -26.97 7.51
CA GLN C 115 3.06 -27.16 6.10
C GLN C 115 2.03 -26.57 5.15
N GLY C 116 0.83 -26.28 5.62
CA GLY C 116 -0.21 -25.67 4.82
C GLY C 116 -1.33 -26.66 4.53
N THR C 117 -2.56 -26.18 4.63
CA THR C 117 -3.75 -26.94 4.29
C THR C 117 -4.46 -26.20 3.16
N LEU C 118 -4.59 -26.83 2.02
CA LEU C 118 -5.30 -26.24 0.89
C LEU C 118 -6.78 -26.58 1.01
N VAL C 119 -7.61 -25.56 1.11
CA VAL C 119 -9.06 -25.70 1.11
C VAL C 119 -9.56 -25.16 -0.23
N THR C 120 -10.30 -25.99 -0.95
CA THR C 120 -10.86 -25.62 -2.24
C THR C 120 -12.37 -25.56 -2.12
N VAL C 121 -12.96 -24.45 -2.56
CA VAL C 121 -14.40 -24.24 -2.51
C VAL C 121 -14.91 -24.22 -3.94
N SER C 122 -15.64 -25.27 -4.31
CA SER C 122 -16.20 -25.37 -5.65
C SER C 122 -17.53 -26.10 -5.55
N SER C 123 -18.45 -25.75 -6.44
CA SER C 123 -19.65 -26.54 -6.61
C SER C 123 -19.43 -27.72 -7.54
N ALA C 124 -18.31 -27.76 -8.24
CA ALA C 124 -18.02 -28.82 -9.19
C ALA C 124 -17.74 -30.13 -8.47
N SER C 125 -17.52 -31.18 -9.25
CA SER C 125 -17.29 -32.51 -8.72
C SER C 125 -16.10 -33.14 -9.43
N THR C 126 -15.52 -34.16 -8.78
CA THR C 126 -14.40 -34.90 -9.35
C THR C 126 -14.64 -35.18 -10.83
N LYS C 127 -13.66 -34.82 -11.66
CA LYS C 127 -13.75 -35.00 -13.10
C LYS C 127 -12.34 -35.09 -13.67
N GLY C 128 -12.04 -36.21 -14.32
CA GLY C 128 -10.76 -36.38 -14.97
C GLY C 128 -10.63 -35.42 -16.16
N PRO C 129 -9.43 -35.24 -16.66
CA PRO C 129 -9.23 -34.34 -17.80
C PRO C 129 -9.53 -34.99 -19.14
N SER C 130 -9.74 -34.15 -20.13
CA SER C 130 -9.63 -34.52 -21.53
C SER C 130 -8.31 -33.99 -22.05
N VAL C 131 -7.49 -34.87 -22.60
CA VAL C 131 -6.14 -34.53 -23.03
C VAL C 131 -6.16 -34.32 -24.54
N PHE C 132 -5.73 -33.15 -24.98
CA PHE C 132 -5.68 -32.87 -26.40
C PHE C 132 -4.29 -32.45 -26.85
N PRO C 133 -3.86 -32.85 -28.05
CA PRO C 133 -2.50 -32.52 -28.50
C PRO C 133 -2.31 -31.07 -28.92
N LEU C 134 -1.11 -30.56 -28.64
CA LEU C 134 -0.62 -29.27 -29.16
C LEU C 134 0.37 -29.59 -30.26
N ALA C 135 -0.12 -29.59 -31.51
CA ALA C 135 0.66 -30.24 -32.56
C ALA C 135 1.64 -29.27 -33.21
N PRO C 136 2.85 -29.73 -33.51
CA PRO C 136 3.84 -28.86 -34.15
C PRO C 136 3.47 -28.54 -35.60
N SER C 137 4.14 -27.51 -36.12
CA SER C 137 3.95 -27.09 -37.49
C SER C 137 4.13 -28.25 -38.47
N THR C 145 14.02 -25.48 -33.94
CA THR C 145 13.16 -24.75 -33.01
C THR C 145 11.69 -25.04 -33.27
N ALA C 146 11.20 -26.14 -32.70
CA ALA C 146 9.81 -26.54 -32.86
C ALA C 146 9.21 -26.79 -31.48
N ALA C 147 7.93 -26.46 -31.34
CA ALA C 147 7.24 -26.58 -30.06
C ALA C 147 6.04 -27.50 -30.20
N LEU C 148 5.80 -28.26 -29.15
CA LEU C 148 4.68 -29.21 -29.10
C LEU C 148 4.38 -29.47 -27.64
N GLY C 149 3.18 -29.96 -27.39
CA GLY C 149 2.79 -30.23 -26.03
C GLY C 149 1.46 -30.93 -25.94
N CYS C 150 0.88 -30.90 -24.75
CA CYS C 150 -0.44 -31.44 -24.49
C CYS C 150 -1.27 -30.37 -23.79
N LEU C 151 -2.58 -30.63 -23.72
CA LEU C 151 -3.52 -29.71 -23.09
C LEU C 151 -4.42 -30.53 -22.18
N VAL C 152 -4.24 -30.37 -20.87
CA VAL C 152 -4.99 -31.11 -19.87
C VAL C 152 -6.16 -30.22 -19.47
N LYS C 153 -7.35 -30.51 -19.98
CA LYS C 153 -8.48 -29.58 -19.91
C LYS C 153 -9.65 -30.17 -19.13
N ASP C 154 -10.39 -29.28 -18.49
CA ASP C 154 -11.64 -29.62 -17.80
C ASP C 154 -11.48 -30.82 -16.87
N TYR C 155 -10.57 -30.68 -15.92
CA TYR C 155 -10.42 -31.66 -14.85
C TYR C 155 -10.71 -30.99 -13.52
N PHE C 156 -10.88 -31.81 -12.49
CA PHE C 156 -11.13 -31.28 -11.17
C PHE C 156 -11.09 -32.40 -10.13
N PRO C 157 -10.56 -32.12 -8.92
CA PRO C 157 -9.82 -30.90 -8.58
C PRO C 157 -8.34 -31.07 -8.82
N GLU C 158 -7.53 -30.12 -8.39
CA GLU C 158 -6.09 -30.22 -8.60
C GLU C 158 -5.44 -31.14 -7.56
N PRO C 159 -4.22 -31.62 -7.84
CA PRO C 159 -3.46 -31.35 -9.05
C PRO C 159 -3.39 -32.53 -10.00
N VAL C 160 -2.55 -32.38 -11.01
CA VAL C 160 -2.27 -33.44 -11.97
C VAL C 160 -0.77 -33.53 -12.12
N THR C 161 -0.29 -34.66 -12.64
CA THR C 161 1.11 -34.84 -12.93
C THR C 161 1.26 -35.18 -14.41
N VAL C 162 2.27 -34.61 -15.04
CA VAL C 162 2.54 -34.84 -16.46
C VAL C 162 3.97 -35.31 -16.61
N SER C 163 4.19 -36.26 -17.50
CA SER C 163 5.51 -36.74 -17.85
C SER C 163 5.59 -36.88 -19.36
N TRP C 164 6.79 -36.75 -19.90
CA TRP C 164 6.99 -36.81 -21.34
C TRP C 164 7.86 -38.00 -21.68
N ASN C 165 7.29 -38.92 -22.47
CA ASN C 165 7.97 -40.14 -22.90
C ASN C 165 8.38 -40.97 -21.67
N SER C 166 7.36 -41.35 -20.91
CA SER C 166 7.50 -42.15 -19.70
C SER C 166 8.53 -41.58 -18.72
N GLY C 167 8.80 -40.28 -18.78
CA GLY C 167 9.70 -39.64 -17.85
C GLY C 167 11.13 -39.50 -18.29
N ALA C 168 11.44 -39.87 -19.53
CA ALA C 168 12.80 -39.72 -20.04
C ALA C 168 13.03 -38.37 -20.71
N LEU C 169 11.98 -37.63 -21.02
CA LEU C 169 12.11 -36.33 -21.67
C LEU C 169 11.75 -35.24 -20.68
N THR C 170 12.77 -34.58 -20.12
CA THR C 170 12.59 -33.45 -19.22
C THR C 170 13.20 -32.17 -19.77
N SER C 171 14.27 -32.27 -20.56
CA SER C 171 14.92 -31.09 -21.10
C SER C 171 13.98 -30.36 -22.05
N GLY C 172 13.91 -29.03 -21.88
CA GLY C 172 13.06 -28.21 -22.72
C GLY C 172 11.60 -28.26 -22.38
N VAL C 173 11.21 -28.92 -21.30
CA VAL C 173 9.81 -29.10 -20.96
C VAL C 173 9.35 -27.95 -20.08
N HIS C 174 8.11 -27.52 -20.30
CA HIS C 174 7.48 -26.50 -19.48
C HIS C 174 6.06 -26.95 -19.16
N THR C 175 5.82 -27.36 -17.92
CA THR C 175 4.49 -27.71 -17.44
C THR C 175 3.91 -26.49 -16.72
N PHE C 176 2.84 -25.95 -17.26
CA PHE C 176 2.39 -24.67 -16.76
C PHE C 176 1.47 -24.82 -15.56
N PRO C 177 1.39 -23.79 -14.71
CA PRO C 177 0.37 -23.78 -13.66
C PRO C 177 -1.01 -23.94 -14.27
N ALA C 178 -1.92 -24.52 -13.51
CA ALA C 178 -3.28 -24.69 -14.00
C ALA C 178 -4.05 -23.39 -13.85
N VAL C 179 -5.09 -23.25 -14.66
CA VAL C 179 -5.97 -22.09 -14.60
C VAL C 179 -7.39 -22.57 -14.30
N LEU C 180 -8.12 -21.77 -13.53
CA LEU C 180 -9.50 -22.07 -13.17
C LEU C 180 -10.43 -21.38 -14.17
N GLN C 181 -11.18 -22.18 -14.92
CA GLN C 181 -12.03 -21.64 -15.97
C GLN C 181 -13.35 -21.14 -15.40
N SER C 182 -14.16 -20.53 -16.27
CA SER C 182 -15.49 -20.11 -15.87
C SER C 182 -16.36 -21.28 -15.48
N SER C 183 -16.08 -22.47 -16.03
CA SER C 183 -16.91 -23.64 -15.77
C SER C 183 -16.65 -24.28 -14.42
N GLY C 184 -15.75 -23.72 -13.61
CA GLY C 184 -15.36 -24.36 -12.37
C GLY C 184 -14.34 -25.45 -12.52
N LEU C 185 -13.87 -25.73 -13.73
CA LEU C 185 -12.96 -26.82 -14.00
C LEU C 185 -11.58 -26.27 -14.33
N TYR C 186 -10.57 -27.09 -14.07
CA TYR C 186 -9.19 -26.67 -14.28
C TYR C 186 -8.71 -27.07 -15.67
N SER C 187 -7.77 -26.28 -16.19
CA SER C 187 -7.17 -26.55 -17.48
C SER C 187 -5.71 -26.15 -17.41
N LEU C 188 -4.85 -27.01 -17.93
CA LEU C 188 -3.41 -26.83 -17.84
C LEU C 188 -2.79 -27.27 -19.16
N SER C 189 -1.60 -26.76 -19.42
CA SER C 189 -0.85 -27.15 -20.61
C SER C 189 0.56 -27.53 -20.21
N SER C 190 1.10 -28.52 -20.91
CA SER C 190 2.49 -28.95 -20.76
C SER C 190 3.11 -28.99 -22.15
N VAL C 191 4.13 -28.15 -22.36
CA VAL C 191 4.76 -28.03 -23.66
C VAL C 191 6.20 -28.53 -23.58
N VAL C 192 6.79 -28.69 -24.77
CA VAL C 192 8.18 -29.09 -24.91
C VAL C 192 8.67 -28.51 -26.23
N THR C 193 9.96 -28.17 -26.27
CA THR C 193 10.58 -27.69 -27.49
C THR C 193 11.73 -28.63 -27.84
N VAL C 194 11.88 -28.91 -29.13
CA VAL C 194 12.81 -29.95 -29.56
C VAL C 194 13.30 -29.67 -30.98
N PRO C 195 14.23 -30.48 -31.50
CA PRO C 195 14.77 -30.22 -32.84
C PRO C 195 13.67 -30.21 -33.88
N SER C 196 13.55 -29.07 -34.56
CA SER C 196 12.69 -28.98 -35.74
C SER C 196 13.04 -30.07 -36.74
N SER C 197 14.32 -30.45 -36.79
CA SER C 197 14.79 -31.53 -37.63
C SER C 197 14.35 -32.90 -37.15
N SER C 198 13.58 -32.98 -36.07
CA SER C 198 13.13 -34.25 -35.54
C SER C 198 11.62 -34.41 -35.71
N GLN C 202 11.01 -37.43 -34.46
CA GLN C 202 10.93 -38.57 -33.54
C GLN C 202 9.50 -38.74 -33.05
N THR C 203 9.33 -39.38 -31.90
CA THR C 203 8.03 -39.62 -31.31
C THR C 203 8.00 -39.02 -29.90
N TYR C 204 6.95 -38.23 -29.62
CA TYR C 204 6.75 -37.65 -28.30
C TYR C 204 5.34 -37.97 -27.83
N ILE C 205 5.20 -38.15 -26.52
CA ILE C 205 3.92 -38.48 -25.91
C ILE C 205 3.91 -38.00 -24.47
N CYS C 206 2.84 -37.33 -24.07
CA CYS C 206 2.69 -36.88 -22.69
C CYS C 206 1.92 -37.93 -21.90
N ASN C 207 2.19 -38.00 -20.60
CA ASN C 207 1.55 -38.96 -19.71
C ASN C 207 0.97 -38.21 -18.52
N VAL C 208 -0.35 -38.20 -18.43
CA VAL C 208 -1.07 -37.47 -17.39
C VAL C 208 -1.51 -38.45 -16.31
N ASN C 209 -1.60 -37.96 -15.08
CA ASN C 209 -1.99 -38.81 -13.96
C ASN C 209 -2.82 -37.96 -12.99
N HIS C 210 -4.15 -38.11 -13.05
CA HIS C 210 -5.06 -37.46 -12.11
C HIS C 210 -5.48 -38.52 -11.11
N LYS C 211 -4.78 -38.57 -9.97
CA LYS C 211 -5.08 -39.56 -8.95
C LYS C 211 -6.46 -39.36 -8.28
N PRO C 212 -7.05 -38.16 -8.22
CA PRO C 212 -8.39 -38.04 -7.63
C PRO C 212 -9.38 -39.06 -8.20
N SER C 213 -9.06 -39.58 -9.39
CA SER C 213 -9.84 -40.59 -10.07
C SER C 213 -8.89 -41.63 -10.64
N ASN C 214 -9.45 -42.69 -11.23
CA ASN C 214 -8.65 -43.71 -11.93
C ASN C 214 -8.54 -43.27 -13.39
N THR C 215 -7.63 -42.32 -13.64
CA THR C 215 -7.61 -41.61 -14.91
C THR C 215 -6.16 -41.33 -15.28
N LYS C 216 -5.66 -42.10 -16.24
CA LYS C 216 -4.29 -41.94 -16.75
C LYS C 216 -4.33 -41.98 -18.27
N VAL C 217 -3.48 -41.20 -18.91
CA VAL C 217 -3.54 -41.05 -20.37
C VAL C 217 -2.13 -40.83 -20.90
N ASP C 218 -1.86 -41.42 -22.08
CA ASP C 218 -0.68 -41.08 -22.85
C ASP C 218 -1.13 -40.77 -24.28
N LYS C 219 -0.90 -39.53 -24.70
CA LYS C 219 -1.26 -39.09 -26.05
C LYS C 219 0.00 -38.77 -26.84
N ARG C 220 0.10 -39.30 -28.05
CA ARG C 220 1.20 -38.97 -28.95
C ARG C 220 0.93 -37.64 -29.65
N VAL C 221 2.00 -37.05 -30.17
CA VAL C 221 1.92 -35.74 -30.83
C VAL C 221 2.75 -35.81 -32.11
N GLU C 222 2.07 -35.71 -33.25
CA GLU C 222 2.70 -35.62 -34.56
C GLU C 222 2.28 -34.32 -35.23
N PRO C 223 3.03 -33.85 -36.24
CA PRO C 223 2.59 -32.65 -36.96
C PRO C 223 1.16 -32.77 -37.51
N GLN D 1 0.03 27.99 -20.81
CA GLN D 1 0.38 28.40 -19.45
C GLN D 1 -0.86 28.71 -18.64
N VAL D 2 -1.81 27.78 -18.65
CA VAL D 2 -3.08 27.99 -17.97
C VAL D 2 -2.84 28.04 -16.46
N GLN D 3 -3.66 28.83 -15.77
CA GLN D 3 -3.58 28.95 -14.32
C GLN D 3 -5.00 28.82 -13.79
N LEU D 4 -5.20 27.95 -12.82
CA LEU D 4 -6.51 27.76 -12.22
C LEU D 4 -6.60 28.50 -10.89
N VAL D 5 -7.77 29.07 -10.62
CA VAL D 5 -8.04 29.75 -9.36
C VAL D 5 -9.33 29.19 -8.80
N GLN D 6 -9.33 28.90 -7.50
CA GLN D 6 -10.47 28.29 -6.82
C GLN D 6 -11.16 29.30 -5.90
N SER D 7 -12.43 29.02 -5.62
CA SER D 7 -13.18 29.85 -4.69
C SER D 7 -12.62 29.69 -3.28
N GLY D 8 -13.08 30.57 -2.38
CA GLY D 8 -12.51 30.64 -1.05
C GLY D 8 -12.99 29.54 -0.10
N ALA D 9 -12.36 29.52 1.07
CA ALA D 9 -12.66 28.51 2.07
C ALA D 9 -14.12 28.59 2.51
N GLU D 10 -14.67 27.46 2.92
CA GLU D 10 -16.07 27.38 3.32
C GLU D 10 -16.20 26.55 4.59
N VAL D 11 -16.98 27.06 5.54
CA VAL D 11 -17.30 26.37 6.78
C VAL D 11 -18.73 25.87 6.67
N LYS D 12 -18.93 24.57 6.88
CA LYS D 12 -20.24 23.96 6.70
C LYS D 12 -20.56 23.09 7.91
N LYS D 13 -21.86 22.94 8.17
CA LYS D 13 -22.32 22.03 9.21
C LYS D 13 -22.59 20.64 8.63
N PRO D 14 -22.47 19.60 9.46
CA PRO D 14 -22.80 18.25 8.98
C PRO D 14 -24.16 18.21 8.29
N GLY D 15 -24.29 17.32 7.32
CA GLY D 15 -25.52 17.14 6.60
C GLY D 15 -25.77 18.15 5.50
N SER D 16 -25.04 19.26 5.47
CA SER D 16 -25.22 20.26 4.43
C SER D 16 -24.52 19.81 3.15
N SER D 17 -24.50 20.69 2.15
CA SER D 17 -23.82 20.43 0.88
C SER D 17 -23.05 21.68 0.49
N VAL D 18 -21.98 21.48 -0.28
CA VAL D 18 -21.13 22.59 -0.70
C VAL D 18 -20.87 22.48 -2.20
N LYS D 19 -20.58 23.62 -2.81
CA LYS D 19 -20.29 23.71 -4.23
C LYS D 19 -19.04 24.58 -4.39
N VAL D 20 -17.98 24.00 -4.93
CA VAL D 20 -16.72 24.71 -5.14
C VAL D 20 -16.56 24.97 -6.63
N SER D 21 -16.08 26.15 -6.97
CA SER D 21 -15.98 26.59 -8.36
C SER D 21 -14.51 26.71 -8.73
N CYS D 22 -14.17 26.23 -9.92
CA CYS D 22 -12.83 26.41 -10.49
C CYS D 22 -12.95 27.23 -11.76
N ARG D 23 -12.14 28.28 -11.86
CA ARG D 23 -12.09 29.13 -13.02
C ARG D 23 -10.64 29.24 -13.49
N ALA D 24 -10.47 29.92 -14.61
CA ALA D 24 -9.14 30.23 -15.12
C ALA D 24 -8.93 31.74 -15.08
N SER D 25 -7.81 32.16 -14.49
CA SER D 25 -7.47 33.57 -14.42
C SER D 25 -6.82 34.03 -15.71
N GLY D 26 -6.93 35.31 -15.98
CA GLY D 26 -6.43 35.85 -17.22
C GLY D 26 -7.15 35.25 -18.42
N GLY D 27 -6.58 35.51 -19.59
CA GLY D 27 -7.07 34.91 -20.81
C GLY D 27 -6.26 33.69 -21.19
N THR D 28 -5.71 33.00 -20.18
CA THR D 28 -4.92 31.80 -20.44
C THR D 28 -5.80 30.58 -20.68
N GLY D 29 -7.00 30.56 -20.10
CA GLY D 29 -7.91 29.44 -20.32
C GLY D 29 -8.57 29.50 -21.68
N GLY D 30 -8.78 28.32 -22.25
CA GLY D 30 -9.58 28.18 -23.46
C GLY D 30 -11.00 27.78 -23.13
N THR D 31 -11.58 26.97 -24.02
CA THR D 31 -12.96 26.53 -23.84
C THR D 31 -13.05 25.58 -22.65
N PHE D 32 -13.95 25.89 -21.72
CA PHE D 32 -14.04 25.11 -20.49
C PHE D 32 -14.76 23.78 -20.70
N SER D 33 -15.88 23.80 -21.43
CA SER D 33 -16.56 22.56 -21.77
C SER D 33 -15.74 21.70 -22.72
N ALA D 34 -14.50 22.10 -23.02
CA ALA D 34 -13.66 21.33 -23.93
C ALA D 34 -12.78 20.33 -23.21
N TYR D 35 -12.21 20.70 -22.07
CA TYR D 35 -11.27 19.85 -21.37
C TYR D 35 -11.94 19.04 -20.27
N ALA D 36 -11.32 17.91 -19.94
CA ALA D 36 -11.75 17.11 -18.81
C ALA D 36 -11.27 17.76 -17.53
N PHE D 37 -12.16 17.80 -16.53
CA PHE D 37 -11.83 18.41 -15.25
C PHE D 37 -11.86 17.35 -14.16
N THR D 38 -10.82 17.35 -13.33
CA THR D 38 -10.66 16.37 -12.26
C THR D 38 -10.65 17.11 -10.92
N TRP D 39 -11.28 16.49 -9.92
CA TRP D 39 -11.26 17.01 -8.57
C TRP D 39 -10.60 15.97 -7.68
N VAL D 40 -9.67 16.42 -6.84
CA VAL D 40 -9.02 15.55 -5.86
C VAL D 40 -9.03 16.28 -4.53
N ARG D 41 -9.04 15.52 -3.45
CA ARG D 41 -9.05 16.09 -2.11
C ARG D 41 -7.90 15.53 -1.29
N GLN D 42 -7.55 16.24 -0.23
CA GLN D 42 -6.44 15.85 0.64
C GLN D 42 -6.83 16.02 2.09
N ALA D 43 -7.30 14.93 2.70
CA ALA D 43 -7.63 14.95 4.12
C ALA D 43 -6.38 15.26 4.94
N PRO D 44 -6.55 15.87 6.12
CA PRO D 44 -5.39 16.20 6.95
C PRO D 44 -4.53 14.98 7.24
N GLY D 45 -3.22 15.11 7.02
CA GLY D 45 -2.29 14.04 7.25
C GLY D 45 -2.34 12.90 6.25
N GLN D 46 -3.25 12.94 5.29
CA GLN D 46 -3.42 11.88 4.32
C GLN D 46 -2.90 12.30 2.95
N GLY D 47 -2.87 11.34 2.04
CA GLY D 47 -2.40 11.58 0.70
C GLY D 47 -3.49 11.98 -0.27
N LEU D 48 -3.08 12.40 -1.47
CA LEU D 48 -4.03 12.82 -2.48
C LEU D 48 -5.04 11.73 -2.79
N GLU D 49 -6.25 12.16 -3.11
CA GLU D 49 -7.39 11.24 -3.24
C GLU D 49 -8.23 11.66 -4.44
N TRP D 50 -8.34 10.76 -5.42
CA TRP D 50 -9.13 11.03 -6.62
C TRP D 50 -10.60 10.90 -6.31
N MET D 51 -11.35 11.96 -6.58
CA MET D 51 -12.79 11.98 -6.33
C MET D 51 -13.58 11.60 -7.57
N GLY D 52 -13.23 12.19 -8.70
CA GLY D 52 -13.91 11.93 -9.94
C GLY D 52 -13.44 12.88 -11.01
N GLY D 53 -13.91 12.63 -12.23
CA GLY D 53 -13.58 13.48 -13.34
C GLY D 53 -14.76 13.65 -14.27
N ILE D 54 -14.64 14.63 -15.16
CA ILE D 54 -15.65 14.88 -16.16
C ILE D 54 -14.99 14.98 -17.52
N THR D 55 -15.53 14.24 -18.48
CA THR D 55 -15.02 14.30 -19.83
C THR D 55 -15.26 15.70 -20.39
N GLY D 56 -14.36 16.13 -21.26
CA GLY D 56 -14.42 17.47 -21.81
C GLY D 56 -15.70 17.80 -22.55
N MET D 57 -15.95 17.15 -23.69
CA MET D 57 -17.02 17.57 -24.59
C MET D 57 -18.34 16.86 -24.31
N PHE D 58 -18.32 15.54 -24.16
CA PHE D 58 -19.55 14.81 -23.85
C PHE D 58 -19.94 14.95 -22.39
N GLY D 59 -19.03 15.40 -21.53
CA GLY D 59 -19.35 15.64 -20.14
C GLY D 59 -19.80 14.41 -19.38
N THR D 60 -19.24 13.25 -19.72
CA THR D 60 -19.55 12.03 -18.97
C THR D 60 -18.66 11.94 -17.74
N ALA D 61 -19.29 11.67 -16.60
CA ALA D 61 -18.64 11.78 -15.31
C ALA D 61 -18.33 10.41 -14.73
N ASN D 62 -17.23 10.34 -13.99
CA ASN D 62 -16.82 9.13 -13.30
C ASN D 62 -16.42 9.51 -11.88
N TYR D 63 -16.96 8.80 -10.89
CA TYR D 63 -16.67 9.08 -9.50
C TYR D 63 -16.06 7.87 -8.82
N ALA D 64 -15.36 8.12 -7.73
CA ALA D 64 -14.81 7.05 -6.92
C ALA D 64 -15.88 6.49 -5.99
N GLN D 65 -15.84 5.16 -5.80
CA GLN D 65 -16.84 4.48 -4.99
C GLN D 65 -17.15 5.25 -3.72
N LYS D 66 -16.10 5.68 -3.00
CA LYS D 66 -16.29 6.32 -1.71
C LYS D 66 -17.11 7.60 -1.77
N PHE D 67 -17.43 8.11 -2.97
CA PHE D 67 -18.26 9.31 -3.08
C PHE D 67 -19.47 9.12 -3.98
N GLN D 68 -19.77 7.90 -4.41
CA GLN D 68 -20.85 7.67 -5.37
C GLN D 68 -22.15 8.29 -4.86
N GLY D 69 -22.77 9.11 -5.70
CA GLY D 69 -24.01 9.76 -5.37
C GLY D 69 -23.87 10.93 -4.43
N ARG D 70 -22.71 11.11 -3.80
CA ARG D 70 -22.48 12.22 -2.90
C ARG D 70 -21.88 13.43 -3.59
N VAL D 71 -21.25 13.26 -4.75
CA VAL D 71 -20.53 14.34 -5.39
C VAL D 71 -21.05 14.53 -6.81
N THR D 72 -21.07 15.78 -7.25
CA THR D 72 -21.36 16.14 -8.63
C THR D 72 -20.25 17.08 -9.09
N ILE D 73 -19.58 16.70 -10.14
CA ILE D 73 -18.67 17.59 -10.83
C ILE D 73 -19.44 18.18 -12.00
N THR D 74 -19.12 19.40 -12.38
CA THR D 74 -19.78 20.03 -13.53
C THR D 74 -18.86 21.10 -14.10
N ALA D 75 -19.25 21.60 -15.27
CA ALA D 75 -18.51 22.67 -15.92
C ALA D 75 -19.48 23.54 -16.69
N ASP D 76 -19.34 24.86 -16.54
CA ASP D 76 -20.19 25.81 -17.23
C ASP D 76 -19.43 26.35 -18.45
N GLU D 77 -19.89 25.98 -19.64
CA GLU D 77 -19.28 26.47 -20.87
C GLU D 77 -19.36 27.99 -20.95
N LEU D 78 -20.50 28.55 -20.56
CA LEU D 78 -20.78 29.97 -20.81
C LEU D 78 -20.04 30.87 -19.82
N THR D 79 -19.93 30.46 -18.56
CA THR D 79 -19.18 31.24 -17.58
C THR D 79 -17.73 30.80 -17.46
N SER D 80 -17.35 29.68 -18.08
CA SER D 80 -15.99 29.14 -17.96
C SER D 80 -15.65 28.85 -16.50
N THR D 81 -16.51 28.07 -15.86
CA THR D 81 -16.40 27.73 -14.45
C THR D 81 -16.60 26.24 -14.27
N ALA D 82 -15.66 25.59 -13.59
CA ALA D 82 -15.80 24.19 -13.25
C ALA D 82 -16.25 24.09 -11.80
N TYR D 83 -17.24 23.24 -11.53
CA TYR D 83 -17.81 23.13 -10.20
C TYR D 83 -17.61 21.73 -9.65
N MET D 84 -17.61 21.63 -8.32
CA MET D 84 -17.76 20.35 -7.63
C MET D 84 -18.69 20.54 -6.45
N GLU D 85 -19.71 19.70 -6.37
CA GLU D 85 -20.68 19.75 -5.29
C GLU D 85 -20.65 18.45 -4.51
N LEU D 86 -20.50 18.56 -3.19
CA LEU D 86 -20.45 17.40 -2.31
C LEU D 86 -21.47 17.58 -1.19
N SER D 87 -22.43 16.67 -1.11
CA SER D 87 -23.55 16.78 -0.18
C SER D 87 -23.41 15.79 0.97
N SER D 88 -24.32 15.92 1.92
CA SER D 88 -24.33 15.06 3.11
C SER D 88 -22.99 15.12 3.84
N LEU D 89 -22.47 16.34 3.98
CA LEU D 89 -21.13 16.52 4.51
C LEU D 89 -20.97 15.90 5.88
N THR D 90 -19.81 15.29 6.10
CA THR D 90 -19.44 14.62 7.34
C THR D 90 -18.12 15.22 7.81
N SER D 91 -17.89 15.18 9.13
CA SER D 91 -16.66 15.74 9.69
C SER D 91 -15.40 15.12 9.07
N GLU D 92 -15.56 14.00 8.37
CA GLU D 92 -14.50 13.34 7.62
C GLU D 92 -14.29 13.96 6.25
N ASP D 93 -15.11 14.95 5.87
CA ASP D 93 -14.93 15.68 4.62
C ASP D 93 -14.04 16.90 4.77
N THR D 94 -13.68 17.28 6.00
CA THR D 94 -12.83 18.44 6.21
C THR D 94 -11.47 18.17 5.57
N ALA D 95 -11.15 18.90 4.51
CA ALA D 95 -9.91 18.66 3.80
C ALA D 95 -9.73 19.72 2.71
N LEU D 96 -8.53 19.72 2.15
CA LEU D 96 -8.23 20.57 0.99
C LEU D 96 -8.80 19.93 -0.26
N TYR D 97 -9.48 20.72 -1.07
CA TYR D 97 -10.12 20.26 -2.29
C TYR D 97 -9.47 20.96 -3.48
N TYR D 98 -8.94 20.20 -4.42
CA TYR D 98 -8.22 20.74 -5.56
C TYR D 98 -9.03 20.58 -6.83
N CYS D 99 -8.82 21.51 -7.75
CA CYS D 99 -9.35 21.44 -9.09
C CYS D 99 -8.18 21.26 -10.05
N ALA D 100 -8.37 20.44 -11.08
CA ALA D 100 -7.28 20.13 -12.00
C ALA D 100 -7.84 19.76 -13.36
N ARG D 101 -6.99 19.89 -14.37
CA ARG D 101 -7.33 19.44 -15.71
C ARG D 101 -6.06 19.16 -16.49
N GLY D 102 -6.22 18.47 -17.61
CA GLY D 102 -5.10 18.17 -18.47
C GLY D 102 -5.10 19.03 -19.72
N LEU D 103 -4.80 18.42 -20.87
CA LEU D 103 -4.77 19.12 -22.14
C LEU D 103 -5.92 18.77 -23.07
N TYR D 104 -6.59 17.64 -22.84
CA TYR D 104 -7.55 17.09 -23.79
C TYR D 104 -8.89 16.89 -23.10
N TYR D 105 -9.89 16.49 -23.88
CA TYR D 105 -11.23 16.23 -23.36
C TYR D 105 -11.33 14.93 -22.58
N TYR D 106 -10.31 14.07 -22.67
CA TYR D 106 -10.25 12.83 -21.90
C TYR D 106 -9.27 13.00 -20.76
N GLU D 107 -9.54 12.29 -19.66
CA GLU D 107 -8.68 12.38 -18.49
C GLU D 107 -7.27 11.91 -18.81
N SER D 108 -6.29 12.54 -18.15
CA SER D 108 -4.88 12.25 -18.39
C SER D 108 -4.03 12.86 -17.28
N SER D 109 -2.74 13.04 -17.54
CA SER D 109 -1.89 13.78 -16.62
C SER D 109 -2.53 15.11 -16.26
N LEU D 110 -2.60 15.40 -14.97
CA LEU D 110 -3.16 16.66 -14.47
C LEU D 110 -2.06 17.72 -14.57
N ASP D 111 -2.09 18.52 -15.64
CA ASP D 111 -1.04 19.51 -15.85
C ASP D 111 -1.24 20.77 -15.02
N TYR D 112 -2.50 21.10 -14.70
CA TYR D 112 -2.81 22.38 -14.07
C TYR D 112 -3.63 22.15 -12.82
N TRP D 113 -3.28 22.85 -11.74
CA TRP D 113 -3.95 22.74 -10.46
C TRP D 113 -4.33 24.12 -9.94
N GLY D 114 -5.41 24.18 -9.18
CA GLY D 114 -5.70 25.33 -8.37
C GLY D 114 -4.90 25.31 -7.09
N GLN D 115 -5.01 26.38 -6.31
CA GLN D 115 -4.30 26.47 -5.05
C GLN D 115 -5.04 25.79 -3.90
N GLY D 116 -6.22 25.21 -4.18
CA GLY D 116 -6.95 24.46 -3.17
C GLY D 116 -8.02 25.25 -2.46
N THR D 117 -9.16 24.60 -2.22
CA THR D 117 -10.24 25.17 -1.41
C THR D 117 -10.40 24.32 -0.16
N LEU D 118 -10.20 24.94 1.00
CA LEU D 118 -10.36 24.24 2.27
C LEU D 118 -11.83 24.28 2.67
N VAL D 119 -12.41 23.10 2.88
CA VAL D 119 -13.78 22.95 3.34
C VAL D 119 -13.71 22.33 4.73
N THR D 120 -14.13 23.09 5.74
CA THR D 120 -14.12 22.63 7.12
C THR D 120 -15.56 22.33 7.54
N VAL D 121 -15.77 21.12 8.05
CA VAL D 121 -17.08 20.68 8.50
C VAL D 121 -17.03 20.58 10.02
N SER D 122 -17.76 21.46 10.70
CA SER D 122 -17.83 21.44 12.16
C SER D 122 -19.19 21.96 12.59
N SER D 123 -19.83 21.25 13.49
CA SER D 123 -21.07 21.73 14.07
C SER D 123 -20.86 22.90 15.00
N ALA D 124 -19.62 23.37 15.08
CA ALA D 124 -19.27 24.51 15.91
C ALA D 124 -19.79 25.80 15.30
N SER D 125 -19.55 26.90 16.01
CA SER D 125 -19.91 28.23 15.56
C SER D 125 -18.74 29.16 15.85
N THR D 126 -18.60 30.20 15.02
CA THR D 126 -17.53 31.18 15.21
C THR D 126 -17.38 31.52 16.68
N LYS D 127 -16.21 31.21 17.24
CA LYS D 127 -15.96 31.39 18.67
C LYS D 127 -14.53 31.86 18.86
N GLY D 128 -14.37 33.06 19.40
CA GLY D 128 -13.07 33.57 19.74
C GLY D 128 -12.32 32.66 20.70
N PRO D 129 -11.00 32.74 20.71
CA PRO D 129 -10.21 31.88 21.60
C PRO D 129 -10.09 32.39 23.02
N SER D 130 -9.73 31.48 23.92
CA SER D 130 -9.27 31.79 25.26
C SER D 130 -7.77 31.53 25.32
N VAL D 131 -7.01 32.51 25.77
CA VAL D 131 -5.55 32.45 25.79
C VAL D 131 -5.11 32.23 27.23
N PHE D 132 -4.44 31.10 27.47
CA PHE D 132 -3.85 30.79 28.76
C PHE D 132 -2.34 30.75 28.64
N PRO D 133 -1.61 31.22 29.65
CA PRO D 133 -0.14 31.19 29.58
C PRO D 133 0.44 29.84 29.94
N LEU D 134 1.60 29.57 29.33
CA LEU D 134 2.43 28.42 29.70
C LEU D 134 3.62 28.99 30.48
N ALA D 135 3.51 28.94 31.81
CA ALA D 135 4.46 29.65 32.66
C ALA D 135 5.82 28.95 32.66
N PRO D 136 6.92 29.71 32.65
CA PRO D 136 8.24 29.07 32.75
C PRO D 136 8.38 28.33 34.07
N SER D 137 9.28 27.34 34.07
CA SER D 137 9.58 26.59 35.29
C SER D 137 11.01 26.06 35.24
N THR D 145 18.77 27.28 29.68
CA THR D 145 17.72 27.80 28.82
C THR D 145 16.35 27.38 29.34
N ALA D 146 15.36 28.24 29.14
CA ALA D 146 14.00 27.99 29.62
C ALA D 146 13.02 28.15 28.46
N ALA D 147 11.81 27.63 28.65
CA ALA D 147 10.79 27.65 27.63
C ALA D 147 9.48 28.19 28.22
N LEU D 148 8.66 28.77 27.36
CA LEU D 148 7.39 29.34 27.75
C LEU D 148 6.57 29.56 26.50
N GLY D 149 5.29 29.86 26.68
CA GLY D 149 4.45 30.11 25.53
C GLY D 149 3.03 30.45 25.93
N CYS D 150 2.17 30.48 24.93
CA CYS D 150 0.76 30.78 25.08
C CYS D 150 -0.06 29.63 24.52
N LEU D 151 -1.17 29.33 25.16
CA LEU D 151 -2.08 28.28 24.71
C LEU D 151 -3.38 28.92 24.20
N VAL D 152 -3.65 28.74 22.92
CA VAL D 152 -4.84 29.29 22.29
C VAL D 152 -5.85 28.14 22.21
N LYS D 153 -6.82 28.14 23.12
CA LYS D 153 -7.69 26.99 23.33
C LYS D 153 -9.10 27.28 22.82
N ASP D 154 -9.72 26.25 22.25
CA ASP D 154 -11.15 26.22 21.96
C ASP D 154 -11.61 27.43 21.14
N TYR D 155 -11.05 27.60 19.96
CA TYR D 155 -11.52 28.61 19.03
C TYR D 155 -12.07 27.97 17.76
N PHE D 156 -12.67 28.82 16.94
CA PHE D 156 -13.26 28.38 15.68
C PHE D 156 -13.67 29.63 14.86
N PRO D 157 -13.32 29.70 13.56
CA PRO D 157 -12.51 28.76 12.81
C PRO D 157 -11.08 29.28 12.52
N GLU D 158 -10.27 28.55 11.76
CA GLU D 158 -8.87 28.94 11.63
C GLU D 158 -8.81 30.14 10.69
N PRO D 159 -7.70 30.90 10.72
CA PRO D 159 -6.55 30.71 11.59
C PRO D 159 -6.45 31.80 12.64
N VAL D 160 -5.35 31.76 13.39
CA VAL D 160 -5.05 32.76 14.38
C VAL D 160 -3.60 33.18 14.15
N THR D 161 -3.27 34.39 14.57
CA THR D 161 -1.93 34.91 14.44
C THR D 161 -1.37 35.13 15.83
N VAL D 162 -0.16 34.64 16.07
CA VAL D 162 0.53 34.82 17.33
C VAL D 162 1.81 35.59 17.07
N SER D 163 1.97 36.70 17.78
CA SER D 163 3.23 37.43 17.85
C SER D 163 3.78 37.29 19.25
N TRP D 164 4.93 37.92 19.49
CA TRP D 164 5.55 37.90 20.80
C TRP D 164 6.19 39.25 21.06
N ASN D 165 5.72 39.91 22.13
CA ASN D 165 6.11 41.28 22.43
C ASN D 165 5.85 42.18 21.22
N SER D 166 4.67 42.00 20.63
CA SER D 166 4.22 42.83 19.52
C SER D 166 5.14 42.72 18.31
N GLY D 167 5.71 41.54 18.08
CA GLY D 167 6.57 41.32 16.94
C GLY D 167 8.04 41.55 17.21
N ALA D 168 8.39 42.07 18.39
CA ALA D 168 9.80 42.26 18.71
C ALA D 168 10.51 40.92 18.91
N LEU D 169 10.02 40.10 19.84
CA LEU D 169 10.61 38.80 20.10
C LEU D 169 10.22 37.83 18.99
N THR D 170 11.21 37.29 18.29
CA THR D 170 10.97 36.39 17.17
C THR D 170 12.00 35.26 17.13
N SER D 171 12.84 35.13 18.14
CA SER D 171 13.91 34.16 18.18
C SER D 171 13.56 33.05 19.15
N GLY D 172 13.76 31.81 18.73
CA GLY D 172 13.40 30.68 19.55
C GLY D 172 11.92 30.33 19.54
N VAL D 173 11.15 30.95 18.66
CA VAL D 173 9.70 30.87 18.69
C VAL D 173 9.23 29.72 17.79
N HIS D 174 8.27 28.95 18.30
CA HIS D 174 7.60 27.90 17.53
C HIS D 174 6.10 28.03 17.76
N THR D 175 5.36 28.40 16.72
CA THR D 175 3.90 28.45 16.78
C THR D 175 3.39 27.21 16.05
N PHE D 176 2.77 26.29 16.79
CA PHE D 176 2.44 25.00 16.24
C PHE D 176 1.17 25.04 15.39
N PRO D 177 0.96 24.03 14.54
CA PRO D 177 -0.30 23.95 13.81
C PRO D 177 -1.44 23.60 14.74
N ALA D 178 -2.64 24.10 14.42
CA ALA D 178 -3.79 23.90 15.30
C ALA D 178 -4.22 22.44 15.26
N VAL D 179 -5.11 22.08 16.18
CA VAL D 179 -5.53 20.69 16.34
C VAL D 179 -7.03 20.66 16.63
N LEU D 180 -7.75 19.75 15.95
CA LEU D 180 -9.18 19.57 16.22
C LEU D 180 -9.38 18.59 17.37
N GLN D 181 -9.99 19.07 18.43
CA GLN D 181 -10.39 18.29 19.59
C GLN D 181 -11.81 17.78 19.35
N SER D 182 -12.21 16.78 20.14
CA SER D 182 -13.57 16.25 20.07
C SER D 182 -14.60 17.37 20.05
N SER D 183 -14.40 18.39 20.90
CA SER D 183 -15.32 19.51 21.04
C SER D 183 -15.61 20.22 19.72
N GLY D 184 -14.82 19.93 18.69
CA GLY D 184 -14.99 20.58 17.41
C GLY D 184 -14.37 21.95 17.31
N LEU D 185 -13.54 22.34 18.27
CA LEU D 185 -12.92 23.65 18.28
C LEU D 185 -11.41 23.50 18.11
N TYR D 186 -10.78 24.59 17.71
CA TYR D 186 -9.35 24.61 17.44
C TYR D 186 -8.58 24.92 18.73
N SER D 187 -7.53 24.13 19.00
CA SER D 187 -6.58 24.40 20.07
C SER D 187 -5.18 24.51 19.47
N LEU D 188 -4.39 25.45 19.99
CA LEU D 188 -3.10 25.76 19.39
C LEU D 188 -2.13 26.25 20.45
N SER D 189 -0.83 26.04 20.19
CA SER D 189 0.23 26.42 21.10
C SER D 189 1.26 27.29 20.38
N SER D 190 1.81 28.26 21.11
CA SER D 190 2.90 29.09 20.62
C SER D 190 3.93 29.22 21.74
N VAL D 191 5.17 28.82 21.46
CA VAL D 191 6.20 28.78 22.48
C VAL D 191 7.41 29.60 22.04
N VAL D 192 8.32 29.79 23.00
CA VAL D 192 9.58 30.47 22.74
C VAL D 192 10.57 30.03 23.80
N THR D 193 11.82 29.85 23.40
CA THR D 193 12.90 29.47 24.30
C THR D 193 13.74 30.71 24.57
N VAL D 194 14.10 30.91 25.85
CA VAL D 194 14.72 32.15 26.29
C VAL D 194 15.83 31.84 27.25
N PRO D 195 16.75 32.77 27.47
CA PRO D 195 17.81 32.58 28.45
C PRO D 195 17.23 32.39 29.84
N SER D 196 17.68 31.33 30.53
CA SER D 196 17.17 31.05 31.86
C SER D 196 17.33 32.26 32.78
N SER D 197 18.35 33.08 32.55
CA SER D 197 18.60 34.26 33.38
C SER D 197 17.86 35.48 32.82
N SER D 198 16.53 35.39 32.81
CA SER D 198 15.70 36.48 32.32
C SER D 198 14.22 36.16 32.53
N THR D 201 12.87 39.17 35.35
CA THR D 201 13.77 40.02 34.59
C THR D 201 13.14 40.47 33.28
N GLN D 202 13.01 39.54 32.33
CA GLN D 202 12.31 39.84 31.09
C GLN D 202 10.80 39.71 31.30
N THR D 203 10.03 40.42 30.48
CA THR D 203 8.57 40.38 30.52
C THR D 203 8.07 40.00 29.14
N TYR D 204 7.36 38.88 29.06
CA TYR D 204 6.92 38.34 27.78
C TYR D 204 5.40 38.38 27.68
N ILE D 205 4.91 38.71 26.49
CA ILE D 205 3.48 38.69 26.21
C ILE D 205 3.29 38.26 24.77
N CYS D 206 2.35 37.36 24.54
CA CYS D 206 1.99 36.96 23.19
C CYS D 206 0.76 37.74 22.77
N ASN D 207 0.65 37.98 21.47
CA ASN D 207 -0.46 38.73 20.89
C ASN D 207 -1.24 37.78 19.98
N VAL D 208 -2.39 37.31 20.46
CA VAL D 208 -3.27 36.45 19.68
C VAL D 208 -4.29 37.33 18.96
N ASN D 209 -4.68 36.92 17.76
CA ASN D 209 -5.67 37.66 17.00
C ASN D 209 -6.48 36.66 16.18
N HIS D 210 -7.76 36.50 16.54
CA HIS D 210 -8.70 35.70 15.77
C HIS D 210 -9.55 36.67 14.95
N LYS D 211 -9.32 36.69 13.63
CA LYS D 211 -9.97 37.68 12.78
C LYS D 211 -11.49 37.51 12.75
N PRO D 212 -12.02 36.30 12.52
CA PRO D 212 -13.49 36.15 12.47
C PRO D 212 -14.21 36.87 13.60
N SER D 213 -13.78 36.61 14.84
CA SER D 213 -14.43 37.11 16.03
C SER D 213 -13.93 38.48 16.45
N ASN D 214 -12.97 39.06 15.72
CA ASN D 214 -12.42 40.36 16.07
C ASN D 214 -11.86 40.36 17.49
N THR D 215 -11.22 39.26 17.88
CA THR D 215 -10.65 39.12 19.21
C THR D 215 -9.16 39.44 19.16
N LYS D 216 -8.73 40.36 20.01
CA LYS D 216 -7.32 40.72 20.14
C LYS D 216 -6.93 40.50 21.60
N VAL D 217 -5.95 39.63 21.82
CA VAL D 217 -5.61 39.19 23.16
C VAL D 217 -4.11 39.30 23.35
N ASP D 218 -3.68 39.93 24.44
CA ASP D 218 -2.27 40.10 24.77
C ASP D 218 -2.08 39.66 26.22
N LYS D 219 -1.71 38.40 26.42
CA LYS D 219 -1.53 37.83 27.75
C LYS D 219 -0.06 37.77 28.10
N ARG D 220 0.27 38.18 29.32
CA ARG D 220 1.64 38.10 29.80
C ARG D 220 1.92 36.71 30.40
N VAL D 221 3.19 36.35 30.42
CA VAL D 221 3.64 35.07 30.96
C VAL D 221 4.64 35.36 32.07
N GLU D 222 4.26 35.03 33.31
CA GLU D 222 5.11 35.20 34.47
C GLU D 222 5.30 33.87 35.17
N PRO D 223 6.50 33.58 35.70
CA PRO D 223 6.75 32.28 36.34
C PRO D 223 5.78 31.97 37.46
#